data_4QFN
#
_entry.id   4QFN
#
_cell.length_a   106.010
_cell.length_b   106.010
_cell.length_c   100.372
_cell.angle_alpha   90.00
_cell.angle_beta   90.00
_cell.angle_gamma   120.00
#
_symmetry.space_group_name_H-M   'P 32'
#
loop_
_entity.id
_entity.type
_entity.pdbx_description
1 polymer 'ABC transporter periplasmic peptide-binding protein'
2 non-polymer GLYCINE
3 non-polymer 'GLUTAMIC ACID'
4 water water
#
_entity_poly.entity_id   1
_entity_poly.type   'polypeptide(L)'
_entity_poly.pdbx_seq_one_letter_code
;MHKLLLALLSLSLVGCIDSKEEILEEKNQGLVYCAEANPVSFNPQVTTTGSTIDIIANQLYDRLISIDPVTAEFKSELAT
DWKISKDGKSVTFTLRKGVKFHTTAYFTPTREFNADDVIFTFSRLFDVYNPYHFVGDANYPYFQSVGIDQLIRKIVRVSD
HQVRFELFNAESSFLANMATDFAVVLSKEYAMALKANNQENLFDQYPVGTGPYIYKEYRRDHLVRFYKNADYWKHEVALE
QLVYDITPNGTTRIAKILTKECDVTAHPSSAQLSILAQRDDINVERETNLNIGYWAFNTERPPFDNLKVRQALVHAIDIE
KIMQAVYYGNGLRARSILPPTSWAFEPQKNMPIFDPQLAKKLLTEAGYEKGFDMSIWAMPVSRIYNPNARKMAELMQSDL
RKIGVNVNIVEYEWNTFIQRIGEHRHDSVLLGWAADTPDPDNFFSPLLSCTATFSGKNPANWCNPEFDLLLTKALDTTDL
NLRKQYYDAAQSMIIEQLPLYPIAHGMRFQASSADVEGITLGPFGAISLANARKKHHHHHH
;
_entity_poly.pdbx_strand_id   A,B
#
# COMPACT_ATOMS: atom_id res chain seq x y z
N GLN A 29 10.61 20.35 23.13
CA GLN A 29 11.07 20.43 21.74
C GLN A 29 9.92 20.68 20.76
N GLY A 30 10.27 21.15 19.57
CA GLY A 30 9.29 21.51 18.57
C GLY A 30 9.59 20.79 17.26
N LEU A 31 8.76 21.05 16.25
CA LEU A 31 8.94 20.40 14.97
C LEU A 31 8.65 21.42 13.89
N VAL A 32 9.50 21.46 12.86
CA VAL A 32 9.32 22.38 11.74
C VAL A 32 8.93 21.58 10.49
N TYR A 33 7.76 21.90 9.95
CA TYR A 33 7.20 21.22 8.79
C TYR A 33 7.22 22.16 7.60
N CYS A 34 7.88 21.73 6.54
CA CYS A 34 7.96 22.51 5.31
C CYS A 34 6.72 22.32 4.44
N ALA A 35 5.80 23.28 4.53
CA ALA A 35 4.54 23.24 3.81
C ALA A 35 4.68 23.83 2.40
N GLU A 36 3.95 23.26 1.45
CA GLU A 36 4.10 23.67 0.06
C GLU A 36 3.25 24.88 -0.34
N ALA A 37 2.35 25.32 0.55
CA ALA A 37 1.48 26.46 0.24
C ALA A 37 0.97 27.16 1.49
N ASN A 38 0.58 28.41 1.30
CA ASN A 38 -0.09 29.19 2.32
C ASN A 38 -1.48 28.58 2.60
N PRO A 39 -1.90 28.54 3.87
CA PRO A 39 -3.27 28.08 4.17
C PRO A 39 -4.28 29.13 3.68
N VAL A 40 -5.35 28.73 3.01
CA VAL A 40 -6.33 29.72 2.55
C VAL A 40 -7.31 30.15 3.64
N SER A 41 -7.30 29.42 4.75
CA SER A 41 -8.20 29.69 5.85
C SER A 41 -7.78 28.83 7.05
N PHE A 42 -8.36 29.09 8.22
CA PHE A 42 -8.12 28.19 9.34
C PHE A 42 -9.37 27.39 9.66
N ASN A 43 -10.33 27.46 8.73
CA ASN A 43 -11.52 26.60 8.79
C ASN A 43 -11.59 25.59 7.63
N PRO A 44 -11.48 24.31 7.94
CA PRO A 44 -11.47 23.24 6.92
C PRO A 44 -12.76 23.21 6.11
N GLN A 45 -13.82 23.84 6.59
CA GLN A 45 -15.10 23.79 5.88
C GLN A 45 -15.06 24.52 4.55
N VAL A 46 -14.15 25.48 4.42
CA VAL A 46 -14.19 26.38 3.27
C VAL A 46 -13.23 26.05 2.13
N THR A 47 -12.55 24.91 2.19
CA THR A 47 -11.61 24.54 1.13
C THR A 47 -11.54 23.01 0.96
N THR A 48 -11.10 22.56 -0.22
CA THR A 48 -10.82 21.14 -0.41
C THR A 48 -9.33 20.93 -0.68
N THR A 49 -8.55 22.00 -0.68
CA THR A 49 -7.14 21.95 -1.03
C THR A 49 -6.29 21.27 0.05
N GLY A 50 -5.65 20.16 -0.32
CA GLY A 50 -4.86 19.38 0.63
C GLY A 50 -3.83 20.19 1.38
N SER A 51 -3.22 21.15 0.69
CA SER A 51 -2.17 21.98 1.26
C SER A 51 -2.61 22.67 2.54
N THR A 52 -3.85 23.16 2.51
CA THR A 52 -4.43 23.82 3.67
C THR A 52 -4.85 22.80 4.72
N ILE A 53 -5.60 21.78 4.29
CA ILE A 53 -6.10 20.74 5.18
C ILE A 53 -4.98 20.07 5.97
N ASP A 54 -3.84 19.84 5.31
CA ASP A 54 -2.69 19.22 5.93
C ASP A 54 -2.21 20.01 7.12
N ILE A 55 -2.27 21.34 7.00
CA ILE A 55 -1.84 22.23 8.07
C ILE A 55 -2.81 22.30 9.24
N ILE A 56 -4.11 22.41 8.96
CA ILE A 56 -5.07 22.82 9.98
C ILE A 56 -5.98 21.72 10.57
N ALA A 57 -6.41 20.77 9.75
CA ALA A 57 -7.51 19.89 10.15
C ALA A 57 -7.24 19.01 11.36
N ASN A 58 -6.23 18.13 11.28
CA ASN A 58 -5.92 17.20 12.36
C ASN A 58 -5.15 17.85 13.50
N GLN A 59 -4.56 19.02 13.28
CA GLN A 59 -3.80 19.70 14.33
C GLN A 59 -4.69 20.52 15.28
N LEU A 60 -5.62 21.31 14.73
CA LEU A 60 -6.45 22.21 15.54
C LEU A 60 -7.80 21.65 15.99
N TYR A 61 -8.29 20.63 15.29
CA TYR A 61 -9.65 20.17 15.46
C TYR A 61 -9.78 18.67 15.70
N ASP A 62 -10.99 18.26 16.06
CA ASP A 62 -11.40 16.87 15.94
C ASP A 62 -12.71 16.80 15.20
N ARG A 63 -12.99 15.63 14.65
CA ARG A 63 -14.28 15.30 14.04
C ARG A 63 -15.18 14.53 15.00
N LEU A 64 -16.40 14.24 14.56
CA LEU A 64 -17.29 13.37 15.33
C LEU A 64 -16.81 11.92 15.23
N ILE A 65 -16.36 11.52 14.04
CA ILE A 65 -15.88 10.18 13.78
C ILE A 65 -14.77 10.23 12.72
N SER A 66 -13.94 9.20 12.71
CA SER A 66 -12.93 9.02 11.68
C SER A 66 -13.14 7.66 11.02
N ILE A 67 -12.28 7.34 10.06
CA ILE A 67 -12.33 6.06 9.37
C ILE A 67 -11.01 5.34 9.56
N ASP A 68 -11.05 4.17 10.22
CA ASP A 68 -9.86 3.38 10.42
C ASP A 68 -9.20 3.08 9.08
N PRO A 69 -7.91 3.38 8.97
CA PRO A 69 -7.19 3.26 7.70
C PRO A 69 -6.97 1.82 7.24
N VAL A 70 -7.09 0.87 8.16
CA VAL A 70 -6.87 -0.53 7.84
C VAL A 70 -8.17 -1.29 7.59
N THR A 71 -9.12 -1.13 8.50
CA THR A 71 -10.37 -1.86 8.44
C THR A 71 -11.49 -1.09 7.76
N ALA A 72 -11.32 0.22 7.66
CA ALA A 72 -12.35 1.09 7.11
C ALA A 72 -13.61 1.16 7.96
N GLU A 73 -13.54 0.72 9.22
CA GLU A 73 -14.66 0.92 10.14
C GLU A 73 -14.62 2.35 10.67
N PHE A 74 -15.78 2.92 10.98
CA PHE A 74 -15.83 4.23 11.61
C PHE A 74 -15.28 4.16 13.03
N LYS A 75 -14.50 5.15 13.42
CA LYS A 75 -13.95 5.17 14.76
C LYS A 75 -14.43 6.36 15.54
N SER A 76 -14.66 6.14 16.82
CA SER A 76 -15.09 7.19 17.72
C SER A 76 -14.05 8.30 17.76
N GLU A 77 -14.51 9.53 17.55
CA GLU A 77 -13.72 10.70 17.89
C GLU A 77 -14.43 11.60 18.92
N LEU A 78 -15.20 12.59 18.50
CA LEU A 78 -15.92 13.41 19.48
C LEU A 78 -17.29 12.76 19.71
N ALA A 79 -17.68 11.84 18.83
CA ALA A 79 -18.86 11.03 19.06
C ALA A 79 -18.38 9.70 19.62
N THR A 80 -18.98 9.30 20.75
CA THR A 80 -18.67 8.00 21.38
C THR A 80 -19.51 6.89 20.76
N ASP A 81 -20.61 7.27 20.13
CA ASP A 81 -21.50 6.29 19.53
C ASP A 81 -22.38 6.96 18.48
N TRP A 82 -22.92 6.15 17.57
CA TRP A 82 -23.80 6.64 16.52
C TRP A 82 -24.70 5.51 16.08
N LYS A 83 -25.94 5.84 15.76
CA LYS A 83 -26.89 4.84 15.30
C LYS A 83 -27.65 5.37 14.11
N ILE A 84 -27.80 4.54 13.08
CA ILE A 84 -28.61 4.89 11.94
C ILE A 84 -29.97 4.21 12.07
N SER A 85 -31.04 4.97 11.91
CA SER A 85 -32.39 4.41 11.98
C SER A 85 -32.62 3.36 10.88
N LYS A 86 -33.71 2.61 10.99
N LYS A 86 -33.71 2.62 11.01
CA LYS A 86 -34.01 1.55 10.03
CA LYS A 86 -34.08 1.58 10.06
C LYS A 86 -34.18 2.08 8.61
C LYS A 86 -34.13 2.11 8.64
N ASP A 87 -34.87 3.21 8.46
CA ASP A 87 -35.04 3.81 7.13
C ASP A 87 -33.85 4.65 6.64
N GLY A 88 -32.79 4.74 7.45
CA GLY A 88 -31.59 5.44 7.06
C GLY A 88 -31.71 6.96 7.03
N LYS A 89 -32.82 7.48 7.58
CA LYS A 89 -33.13 8.91 7.50
C LYS A 89 -32.87 9.71 8.77
N SER A 90 -32.48 9.00 9.82
CA SER A 90 -32.14 9.61 11.11
C SER A 90 -30.81 9.01 11.55
N VAL A 91 -29.89 9.85 12.00
CA VAL A 91 -28.62 9.39 12.53
C VAL A 91 -28.39 10.09 13.86
N THR A 92 -28.22 9.31 14.91
CA THR A 92 -28.05 9.84 16.26
C THR A 92 -26.59 9.68 16.70
N PHE A 93 -25.98 10.79 17.10
CA PHE A 93 -24.63 10.75 17.66
C PHE A 93 -24.69 11.03 19.16
N THR A 94 -24.18 10.10 19.96
CA THR A 94 -23.88 10.39 21.36
C THR A 94 -22.52 11.04 21.41
N LEU A 95 -22.38 12.12 22.20
CA LEU A 95 -21.15 12.91 22.22
C LEU A 95 -20.27 12.70 23.45
N ARG A 96 -18.95 12.83 23.26
CA ARG A 96 -17.96 12.71 24.34
C ARG A 96 -18.14 13.79 25.41
N LYS A 97 -17.97 13.39 26.67
CA LYS A 97 -18.09 14.34 27.76
C LYS A 97 -16.71 14.82 28.26
N GLY A 98 -16.65 16.03 28.81
CA GLY A 98 -15.39 16.54 29.34
C GLY A 98 -14.42 17.04 28.28
N VAL A 99 -14.93 17.42 27.12
CA VAL A 99 -14.05 17.90 26.08
C VAL A 99 -13.96 19.41 26.11
N LYS A 100 -12.75 19.94 26.21
CA LYS A 100 -12.57 21.38 26.28
C LYS A 100 -12.18 22.00 24.95
N PHE A 101 -12.79 23.13 24.63
CA PHE A 101 -12.31 23.97 23.56
C PHE A 101 -11.05 24.68 24.02
N HIS A 102 -10.22 25.07 23.05
CA HIS A 102 -8.97 25.77 23.30
C HIS A 102 -9.15 27.05 24.06
N THR A 103 -8.20 27.33 24.95
CA THR A 103 -8.02 28.66 25.46
C THR A 103 -6.91 29.31 24.63
N THR A 104 -7.25 30.39 23.93
CA THR A 104 -6.29 31.08 23.09
C THR A 104 -6.07 32.47 23.67
N ALA A 105 -5.18 33.25 23.06
CA ALA A 105 -5.02 34.65 23.45
C ALA A 105 -6.34 35.41 23.28
N TYR A 106 -7.19 34.94 22.38
CA TYR A 106 -8.39 35.70 22.01
C TYR A 106 -9.70 35.08 22.49
N PHE A 107 -9.62 33.97 23.22
CA PHE A 107 -10.83 33.30 23.64
C PHE A 107 -10.61 32.38 24.83
N THR A 108 -11.55 32.41 25.77
CA THR A 108 -11.54 31.50 26.90
C THR A 108 -12.94 30.92 27.12
N PRO A 109 -13.10 29.63 26.87
CA PRO A 109 -14.41 28.98 26.97
C PRO A 109 -15.00 29.04 28.37
N THR A 110 -16.32 29.01 28.45
CA THR A 110 -17.10 29.05 29.68
C THR A 110 -17.70 27.68 29.95
N ARG A 111 -17.72 26.82 28.93
CA ARG A 111 -18.33 25.51 29.05
C ARG A 111 -17.60 24.48 28.19
N GLU A 112 -17.83 23.21 28.47
CA GLU A 112 -17.23 22.15 27.69
C GLU A 112 -18.02 21.88 26.41
N PHE A 113 -17.39 21.19 25.47
CA PHE A 113 -18.01 20.83 24.20
C PHE A 113 -19.36 20.13 24.41
N ASN A 114 -20.38 20.56 23.67
CA ASN A 114 -21.67 19.88 23.72
C ASN A 114 -22.45 19.89 22.40
N ALA A 115 -23.70 19.46 22.48
CA ALA A 115 -24.55 19.33 21.29
C ALA A 115 -24.73 20.64 20.52
N ASP A 116 -24.83 21.76 21.24
CA ASP A 116 -24.93 23.05 20.59
C ASP A 116 -23.80 23.32 19.59
N ASP A 117 -22.58 22.89 19.92
CA ASP A 117 -21.44 23.11 19.03
C ASP A 117 -21.59 22.29 17.76
N VAL A 118 -22.11 21.07 17.90
CA VAL A 118 -22.38 20.21 16.76
C VAL A 118 -23.46 20.81 15.86
N ILE A 119 -24.57 21.24 16.47
CA ILE A 119 -25.68 21.79 15.71
C ILE A 119 -25.30 23.10 15.02
N PHE A 120 -24.50 23.91 15.70
CA PHE A 120 -24.03 25.14 15.09
C PHE A 120 -23.10 24.84 13.92
N THR A 121 -22.12 23.99 14.18
CA THR A 121 -21.08 23.72 13.19
C THR A 121 -21.68 23.25 11.86
N PHE A 122 -22.54 22.25 11.93
CA PHE A 122 -23.07 21.63 10.73
C PHE A 122 -24.24 22.37 10.10
N SER A 123 -25.04 23.07 10.91
CA SER A 123 -26.15 23.84 10.35
C SER A 123 -25.58 25.04 9.58
N ARG A 124 -24.40 25.51 9.97
CA ARG A 124 -23.77 26.58 9.23
C ARG A 124 -23.55 26.22 7.75
N LEU A 125 -23.49 24.93 7.45
CA LEU A 125 -23.26 24.48 6.08
C LEU A 125 -24.53 24.56 5.22
N PHE A 126 -25.68 24.30 5.82
CA PHE A 126 -26.92 24.16 5.05
C PHE A 126 -28.06 25.10 5.44
N ASP A 127 -27.97 25.71 6.62
CA ASP A 127 -29.07 26.50 7.15
C ASP A 127 -28.84 27.98 6.97
N VAL A 128 -29.59 28.61 6.07
CA VAL A 128 -29.43 30.02 5.77
C VAL A 128 -29.72 30.94 6.95
N TYR A 129 -30.36 30.40 7.98
CA TYR A 129 -30.65 31.18 9.19
C TYR A 129 -29.50 31.12 10.17
N ASN A 130 -28.58 30.20 9.96
CA ASN A 130 -27.39 30.18 10.79
C ASN A 130 -26.64 31.47 10.52
N PRO A 131 -26.24 32.17 11.58
CA PRO A 131 -25.64 33.51 11.44
C PRO A 131 -24.24 33.49 10.81
N TYR A 132 -23.65 32.30 10.67
CA TYR A 132 -22.36 32.21 10.02
C TYR A 132 -22.45 31.63 8.61
N HIS A 133 -23.63 31.18 8.23
CA HIS A 133 -23.79 30.56 6.92
C HIS A 133 -23.21 31.41 5.83
N PHE A 134 -23.45 32.72 5.87
CA PHE A 134 -22.95 33.63 4.83
C PHE A 134 -21.66 34.34 5.17
N VAL A 135 -21.03 33.99 6.29
CA VAL A 135 -19.79 34.66 6.68
C VAL A 135 -18.67 34.39 5.67
N GLY A 136 -17.65 35.24 5.67
CA GLY A 136 -16.55 35.10 4.74
C GLY A 136 -17.05 35.00 3.31
N ASP A 137 -16.67 33.94 2.61
CA ASP A 137 -17.06 33.78 1.21
C ASP A 137 -18.37 33.07 1.02
N ALA A 138 -18.91 32.50 2.09
CA ALA A 138 -20.18 31.78 1.99
C ALA A 138 -20.05 30.56 1.05
N ASN A 139 -18.85 29.98 0.95
CA ASN A 139 -18.58 28.80 0.13
C ASN A 139 -18.09 27.63 0.98
N TYR A 140 -18.70 26.47 0.79
CA TYR A 140 -18.25 25.25 1.46
C TYR A 140 -18.11 24.18 0.38
N PRO A 141 -16.98 24.23 -0.35
CA PRO A 141 -16.82 23.50 -1.61
C PRO A 141 -17.03 21.99 -1.51
N TYR A 142 -16.52 21.32 -0.49
CA TYR A 142 -16.79 19.90 -0.42
C TYR A 142 -18.27 19.62 -0.19
N PHE A 143 -18.83 20.31 0.80
CA PHE A 143 -20.18 20.00 1.23
C PHE A 143 -21.23 20.37 0.18
N GLN A 144 -21.00 21.46 -0.53
CA GLN A 144 -21.90 21.87 -1.61
C GLN A 144 -21.83 20.93 -2.80
N SER A 145 -20.61 20.48 -3.11
CA SER A 145 -20.39 19.51 -4.18
C SER A 145 -21.14 18.20 -3.96
N VAL A 146 -21.22 17.73 -2.71
CA VAL A 146 -22.01 16.53 -2.40
C VAL A 146 -23.45 16.88 -2.02
N GLY A 147 -23.84 18.12 -2.23
CA GLY A 147 -25.22 18.56 -2.05
C GLY A 147 -25.75 18.41 -0.63
N ILE A 148 -25.01 18.95 0.33
CA ILE A 148 -25.33 18.82 1.74
C ILE A 148 -26.72 19.34 2.11
N ASP A 149 -27.16 20.42 1.45
CA ASP A 149 -28.42 21.05 1.84
C ASP A 149 -29.64 20.31 1.28
N GLN A 150 -29.40 19.38 0.36
CA GLN A 150 -30.46 18.48 -0.08
C GLN A 150 -30.43 17.22 0.76
N LEU A 151 -29.53 17.18 1.74
CA LEU A 151 -29.40 15.96 2.52
C LEU A 151 -29.86 16.16 3.95
N ILE A 152 -29.34 17.19 4.62
CA ILE A 152 -29.70 17.41 6.01
C ILE A 152 -30.90 18.35 6.16
N ARG A 153 -31.96 17.83 6.78
CA ARG A 153 -33.17 18.61 7.00
C ARG A 153 -32.97 19.47 8.25
N LYS A 154 -32.56 18.83 9.33
CA LYS A 154 -32.25 19.54 10.55
C LYS A 154 -31.50 18.63 11.50
N ILE A 155 -30.98 19.24 12.55
CA ILE A 155 -30.24 18.53 13.59
C ILE A 155 -30.94 18.81 14.91
N VAL A 156 -31.36 17.74 15.58
CA VAL A 156 -32.14 17.84 16.80
C VAL A 156 -31.26 17.69 18.04
N ARG A 157 -31.44 18.60 19.00
CA ARG A 157 -30.77 18.46 20.29
C ARG A 157 -31.59 17.54 21.21
N VAL A 158 -31.27 16.25 21.24
CA VAL A 158 -32.02 15.35 22.11
C VAL A 158 -31.59 15.53 23.57
N SER A 159 -30.35 15.93 23.79
CA SER A 159 -29.86 16.23 25.13
C SER A 159 -28.49 16.91 25.03
N ASP A 160 -27.94 17.33 26.16
CA ASP A 160 -26.67 18.05 26.14
C ASP A 160 -25.63 17.32 25.31
N HIS A 161 -25.61 15.99 25.41
CA HIS A 161 -24.56 15.20 24.76
C HIS A 161 -25.10 14.16 23.80
N GLN A 162 -26.18 14.52 23.13
CA GLN A 162 -26.68 13.67 22.06
C GLN A 162 -27.46 14.48 21.02
N VAL A 163 -27.16 14.24 19.74
CA VAL A 163 -27.88 14.90 18.65
C VAL A 163 -28.39 13.91 17.62
N ARG A 164 -29.51 14.25 16.99
CA ARG A 164 -30.04 13.45 15.90
C ARG A 164 -30.10 14.25 14.60
N PHE A 165 -29.38 13.77 13.58
CA PHE A 165 -29.45 14.31 12.23
C PHE A 165 -30.65 13.75 11.48
N GLU A 166 -31.51 14.62 10.96
CA GLU A 166 -32.62 14.15 10.14
C GLU A 166 -32.32 14.43 8.66
N LEU A 167 -32.38 13.39 7.83
CA LEU A 167 -32.07 13.53 6.40
C LEU A 167 -33.32 13.49 5.53
N PHE A 168 -33.31 14.19 4.40
CA PHE A 168 -34.43 14.12 3.45
C PHE A 168 -34.50 12.74 2.83
N ASN A 169 -33.34 12.15 2.55
CA ASN A 169 -33.28 10.77 2.07
C ASN A 169 -32.08 10.07 2.65
N ALA A 170 -32.08 8.75 2.60
CA ALA A 170 -30.92 8.00 3.02
C ALA A 170 -29.81 8.21 2.00
N GLU A 171 -28.58 8.35 2.49
CA GLU A 171 -27.40 8.35 1.64
C GLU A 171 -26.33 7.48 2.29
N SER A 172 -25.93 6.45 1.57
CA SER A 172 -24.96 5.48 2.07
C SER A 172 -23.58 6.08 2.36
N SER A 173 -23.31 7.25 1.78
CA SER A 173 -22.04 7.94 1.99
C SER A 173 -22.09 8.97 3.12
N PHE A 174 -23.23 9.07 3.82
CA PHE A 174 -23.38 10.13 4.82
C PHE A 174 -22.34 10.05 5.94
N LEU A 175 -22.22 8.90 6.59
CA LEU A 175 -21.23 8.78 7.66
C LEU A 175 -19.81 9.05 7.12
N ALA A 176 -19.52 8.55 5.93
CA ALA A 176 -18.21 8.78 5.32
C ALA A 176 -17.94 10.27 5.16
N ASN A 177 -18.97 11.02 4.78
CA ASN A 177 -18.84 12.48 4.68
C ASN A 177 -18.63 13.17 6.03
N MET A 178 -19.22 12.62 7.09
CA MET A 178 -19.05 13.15 8.44
C MET A 178 -17.69 12.74 9.00
N ALA A 179 -16.95 11.95 8.24
CA ALA A 179 -15.65 11.48 8.67
C ALA A 179 -14.53 12.19 7.91
N THR A 180 -14.91 13.09 7.02
CA THR A 180 -13.91 13.81 6.22
C THR A 180 -13.22 14.84 7.08
N ASP A 181 -12.01 15.22 6.68
CA ASP A 181 -11.24 16.25 7.36
C ASP A 181 -11.95 17.60 7.32
N PHE A 182 -13.00 17.71 6.49
CA PHE A 182 -13.76 18.94 6.38
C PHE A 182 -14.81 19.05 7.48
N ALA A 183 -15.18 17.92 8.05
CA ALA A 183 -16.26 17.87 9.02
C ALA A 183 -15.80 18.13 10.45
N VAL A 184 -14.87 19.06 10.64
CA VAL A 184 -14.37 19.36 11.98
C VAL A 184 -15.49 19.97 12.86
N VAL A 185 -15.30 19.94 14.18
CA VAL A 185 -16.28 20.53 15.09
C VAL A 185 -15.82 21.90 15.56
N LEU A 186 -16.67 22.90 15.36
CA LEU A 186 -16.34 24.28 15.71
C LEU A 186 -16.96 24.70 17.04
N SER A 187 -16.55 25.86 17.54
CA SER A 187 -17.04 26.35 18.83
C SER A 187 -18.22 27.33 18.70
N LYS A 188 -19.39 26.94 19.16
CA LYS A 188 -20.51 27.87 19.16
C LYS A 188 -20.25 29.07 20.07
N GLU A 189 -19.65 28.82 21.23
CA GLU A 189 -19.46 29.92 22.19
C GLU A 189 -18.58 31.01 21.60
N TYR A 190 -17.46 30.60 21.02
CA TYR A 190 -16.57 31.52 20.33
C TYR A 190 -17.35 32.24 19.25
N ALA A 191 -18.02 31.47 18.39
CA ALA A 191 -18.79 32.04 17.30
C ALA A 191 -19.72 33.12 17.83
N MET A 192 -20.44 32.80 18.91
CA MET A 192 -21.39 33.77 19.48
C MET A 192 -20.72 35.00 20.11
N ALA A 193 -19.60 34.82 20.79
CA ALA A 193 -18.91 35.96 21.38
C ALA A 193 -18.45 36.95 20.32
N LEU A 194 -18.02 36.45 19.17
CA LEU A 194 -17.55 37.32 18.09
C LEU A 194 -18.73 38.03 17.45
N LYS A 195 -19.85 37.35 17.38
CA LYS A 195 -21.05 37.89 16.75
C LYS A 195 -21.56 39.09 17.56
N ALA A 196 -21.44 39.00 18.88
CA ALA A 196 -21.89 40.08 19.77
C ALA A 196 -21.07 41.34 19.60
N ASN A 197 -19.93 41.23 18.94
CA ASN A 197 -19.08 42.40 18.70
C ASN A 197 -18.89 42.70 17.23
N ASN A 198 -19.68 42.02 16.40
CA ASN A 198 -19.60 42.19 14.95
C ASN A 198 -18.22 41.84 14.42
N GLN A 199 -17.64 40.75 14.92
CA GLN A 199 -16.32 40.31 14.48
C GLN A 199 -16.35 38.91 13.88
N GLU A 200 -17.46 38.57 13.24
CA GLU A 200 -17.65 37.25 12.65
C GLU A 200 -16.54 36.89 11.68
N ASN A 201 -15.90 37.90 11.11
CA ASN A 201 -14.85 37.71 10.11
C ASN A 201 -13.55 37.19 10.73
N LEU A 202 -13.45 37.26 12.05
CA LEU A 202 -12.30 36.72 12.77
C LEU A 202 -12.45 35.22 13.02
N PHE A 203 -13.68 34.72 12.95
CA PHE A 203 -13.97 33.33 13.34
C PHE A 203 -13.11 32.31 12.61
N ASP A 204 -12.95 32.51 11.30
CA ASP A 204 -12.24 31.55 10.45
C ASP A 204 -10.76 31.84 10.36
N GLN A 205 -10.34 33.00 10.88
CA GLN A 205 -8.93 33.42 10.83
C GLN A 205 -8.20 33.10 12.12
N TYR A 206 -8.89 33.30 13.24
CA TYR A 206 -8.32 33.02 14.55
C TYR A 206 -9.13 31.90 15.14
N PRO A 207 -8.69 30.67 14.88
CA PRO A 207 -9.53 29.49 15.07
C PRO A 207 -9.58 29.00 16.52
N VAL A 208 -10.67 28.32 16.85
CA VAL A 208 -10.80 27.65 18.14
C VAL A 208 -11.27 26.23 17.86
N GLY A 209 -10.55 25.25 18.38
CA GLY A 209 -10.93 23.87 18.14
C GLY A 209 -10.81 23.07 19.42
N THR A 210 -10.97 21.75 19.34
CA THR A 210 -10.69 20.89 20.46
C THR A 210 -9.47 20.01 20.21
N GLY A 211 -8.72 20.29 19.14
CA GLY A 211 -7.62 19.42 18.71
C GLY A 211 -6.34 19.55 19.52
N PRO A 212 -5.32 18.75 19.17
CA PRO A 212 -4.07 18.62 19.93
C PRO A 212 -3.19 19.87 19.97
N TYR A 213 -3.37 20.79 19.04
CA TYR A 213 -2.61 22.04 19.06
C TYR A 213 -3.52 23.25 18.94
N ILE A 214 -2.94 24.41 19.23
CA ILE A 214 -3.70 25.65 19.36
C ILE A 214 -2.99 26.69 18.52
N TYR A 215 -3.77 27.52 17.85
CA TYR A 215 -3.25 28.61 17.03
C TYR A 215 -2.48 29.61 17.88
N LYS A 216 -1.25 29.89 17.49
CA LYS A 216 -0.47 30.93 18.14
C LYS A 216 -0.24 32.14 17.22
N GLU A 217 0.27 31.89 16.03
CA GLU A 217 0.65 32.97 15.14
C GLU A 217 0.61 32.53 13.69
N TYR A 218 0.23 33.46 12.82
CA TYR A 218 0.28 33.22 11.39
C TYR A 218 0.80 34.47 10.71
N ARG A 219 1.84 34.31 9.90
CA ARG A 219 2.35 35.40 9.08
C ARG A 219 2.22 34.98 7.62
N ARG A 220 1.33 35.68 6.92
CA ARG A 220 1.02 35.42 5.52
C ARG A 220 2.26 35.07 4.68
N ASP A 221 2.26 33.85 4.14
CA ASP A 221 3.27 33.38 3.19
C ASP A 221 4.62 33.16 3.83
N HIS A 222 4.66 33.14 5.15
CA HIS A 222 5.91 32.93 5.85
C HIS A 222 5.83 31.74 6.78
N LEU A 223 4.97 31.83 7.79
CA LEU A 223 4.86 30.72 8.75
C LEU A 223 3.54 30.69 9.51
N VAL A 224 3.17 29.51 9.99
CA VAL A 224 2.14 29.41 11.01
C VAL A 224 2.66 28.64 12.21
N ARG A 225 2.35 29.14 13.39
CA ARG A 225 2.86 28.57 14.61
C ARG A 225 1.74 28.12 15.55
N PHE A 226 1.74 26.84 15.89
CA PHE A 226 0.76 26.28 16.80
C PHE A 226 1.50 25.84 18.05
N TYR A 227 0.79 25.78 19.16
N TYR A 227 0.81 25.76 19.17
CA TYR A 227 1.32 25.30 20.44
CA TYR A 227 1.43 25.22 20.37
C TYR A 227 0.58 24.04 20.89
C TYR A 227 0.57 24.13 20.98
N LYS A 228 1.22 23.25 21.74
CA LYS A 228 0.57 22.12 22.39
C LYS A 228 -0.72 22.50 23.12
N ASN A 229 -1.75 21.66 22.98
CA ASN A 229 -2.95 21.81 23.80
C ASN A 229 -2.87 20.94 25.07
N ALA A 230 -2.49 21.54 26.19
CA ALA A 230 -2.26 20.80 27.42
C ALA A 230 -3.51 20.12 27.94
N ASP A 231 -4.67 20.51 27.41
CA ASP A 231 -5.94 19.97 27.85
C ASP A 231 -6.53 18.95 26.87
N TYR A 232 -5.76 18.57 25.85
CA TYR A 232 -6.30 17.70 24.81
C TYR A 232 -6.96 16.45 25.40
N TRP A 233 -8.19 16.16 25.00
CA TRP A 233 -8.96 15.08 25.62
C TRP A 233 -8.42 13.68 25.38
N LYS A 234 -7.81 13.47 24.21
CA LYS A 234 -7.53 12.12 23.74
C LYS A 234 -6.25 11.52 24.31
N HIS A 235 -5.26 12.36 24.53
CA HIS A 235 -3.97 11.90 25.02
C HIS A 235 -3.10 13.11 25.27
N GLU A 236 -2.05 12.91 26.05
CA GLU A 236 -1.05 13.93 26.27
C GLU A 236 -0.35 14.22 24.95
N VAL A 237 -0.23 15.49 24.58
CA VAL A 237 0.43 15.83 23.34
C VAL A 237 1.93 16.02 23.57
N ALA A 238 2.74 15.39 22.72
CA ALA A 238 4.18 15.30 22.92
C ALA A 238 4.95 16.56 22.54
N LEU A 239 4.62 17.16 21.41
CA LEU A 239 5.33 18.35 20.96
C LEU A 239 4.84 19.62 21.63
N GLU A 240 5.78 20.46 22.06
CA GLU A 240 5.43 21.75 22.65
C GLU A 240 5.07 22.74 21.55
N GLN A 241 5.74 22.61 20.42
CA GLN A 241 5.63 23.61 19.38
C GLN A 241 5.59 23.00 18.00
N LEU A 242 4.71 23.54 17.16
CA LEU A 242 4.57 23.14 15.78
C LEU A 242 4.69 24.39 14.92
N VAL A 243 5.64 24.38 14.01
CA VAL A 243 5.80 25.49 13.07
C VAL A 243 5.72 24.99 11.64
N TYR A 244 4.90 25.65 10.84
CA TYR A 244 4.84 25.36 9.42
C TYR A 244 5.58 26.48 8.66
N ASP A 245 6.69 26.11 8.02
CA ASP A 245 7.50 27.01 7.22
C ASP A 245 6.93 26.99 5.79
N ILE A 246 6.25 28.05 5.40
CA ILE A 246 5.61 28.09 4.07
C ILE A 246 6.68 28.24 3.00
N THR A 247 6.81 27.22 2.16
CA THR A 247 7.93 27.12 1.22
C THR A 247 7.44 26.49 -0.09
N PRO A 248 6.94 27.32 -1.02
CA PRO A 248 6.31 26.83 -2.26
C PRO A 248 7.26 26.10 -3.20
N ASN A 249 8.53 26.47 -3.18
CA ASN A 249 9.48 25.86 -4.08
C ASN A 249 9.95 24.46 -3.68
N GLY A 250 9.63 23.46 -4.50
CA GLY A 250 9.99 22.08 -4.21
C GLY A 250 11.47 21.82 -3.93
N THR A 251 12.35 22.44 -4.70
CA THR A 251 13.79 22.22 -4.50
C THR A 251 14.24 22.87 -3.18
N THR A 252 13.67 24.02 -2.84
CA THR A 252 13.97 24.66 -1.57
C THR A 252 13.58 23.80 -0.37
N ARG A 253 12.49 23.06 -0.49
CA ARG A 253 12.05 22.18 0.59
C ARG A 253 13.03 21.04 0.75
N ILE A 254 13.53 20.52 -0.36
CA ILE A 254 14.61 19.55 -0.30
C ILE A 254 15.80 20.16 0.42
N ALA A 255 16.17 21.37 0.01
CA ALA A 255 17.32 22.07 0.54
C ALA A 255 17.19 22.21 2.05
N LYS A 256 16.03 22.68 2.49
CA LYS A 256 15.76 22.89 3.91
C LYS A 256 15.83 21.60 4.74
N ILE A 257 15.36 20.48 4.20
CA ILE A 257 15.47 19.24 5.00
C ILE A 257 16.91 18.69 5.04
N LEU A 258 17.66 18.91 3.97
CA LEU A 258 19.08 18.55 3.91
C LEU A 258 19.92 19.34 4.91
N THR A 259 19.62 20.61 5.09
CA THR A 259 20.36 21.47 6.03
C THR A 259 19.74 21.44 7.43
N LYS A 260 18.68 20.65 7.59
CA LYS A 260 17.99 20.48 8.87
C LYS A 260 17.23 21.73 9.34
N GLU A 261 16.92 22.64 8.41
CA GLU A 261 16.08 23.79 8.75
C GLU A 261 14.63 23.34 8.89
N CYS A 262 14.29 22.23 8.25
CA CYS A 262 12.99 21.57 8.39
C CYS A 262 13.19 20.16 8.91
N ASP A 263 12.20 19.63 9.64
CA ASP A 263 12.23 18.25 10.13
C ASP A 263 11.32 17.34 9.31
N VAL A 264 10.36 17.95 8.61
CA VAL A 264 9.46 17.20 7.76
C VAL A 264 9.19 18.00 6.50
N THR A 265 9.12 17.31 5.36
CA THR A 265 9.00 17.93 4.06
C THR A 265 7.82 17.31 3.32
N ALA A 266 6.86 18.15 2.99
CA ALA A 266 5.69 17.72 2.24
C ALA A 266 6.05 17.41 0.78
N HIS A 267 5.56 16.27 0.28
CA HIS A 267 5.62 15.98 -1.16
C HIS A 267 7.01 16.15 -1.81
N PRO A 268 7.99 15.34 -1.38
CA PRO A 268 9.34 15.48 -1.93
C PRO A 268 9.41 15.35 -3.47
N SER A 269 10.19 16.21 -4.12
CA SER A 269 10.42 16.09 -5.56
C SER A 269 10.96 14.70 -5.90
N SER A 270 10.29 14.01 -6.81
CA SER A 270 10.71 12.67 -7.22
C SER A 270 12.11 12.62 -7.83
N ALA A 271 12.57 13.74 -8.40
CA ALA A 271 13.93 13.82 -8.88
C ALA A 271 14.92 13.79 -7.72
N GLN A 272 14.45 14.09 -6.52
CA GLN A 272 15.36 14.10 -5.38
C GLN A 272 15.15 12.96 -4.38
N LEU A 273 14.36 11.96 -4.77
CA LEU A 273 14.13 10.83 -3.88
C LEU A 273 15.41 10.04 -3.65
N SER A 274 16.17 9.85 -4.73
CA SER A 274 17.44 9.14 -4.66
C SER A 274 18.42 9.83 -3.68
N ILE A 275 18.54 11.14 -3.79
CA ILE A 275 19.36 11.90 -2.86
C ILE A 275 18.95 11.71 -1.41
N LEU A 276 17.64 11.81 -1.14
CA LEU A 276 17.12 11.63 0.21
C LEU A 276 17.34 10.21 0.72
N ALA A 277 17.08 9.22 -0.14
CA ALA A 277 17.33 7.82 0.20
C ALA A 277 18.78 7.57 0.65
N GLN A 278 19.72 8.30 0.05
CA GLN A 278 21.16 8.12 0.35
C GLN A 278 21.63 8.79 1.66
N ARG A 279 20.80 9.64 2.25
CA ARG A 279 21.14 10.29 3.51
C ARG A 279 20.68 9.42 4.69
N ASP A 280 21.63 9.03 5.53
CA ASP A 280 21.31 8.18 6.67
C ASP A 280 20.31 8.76 7.67
N ASP A 281 20.39 10.06 7.92
CA ASP A 281 19.57 10.67 8.95
C ASP A 281 18.23 11.18 8.40
N ILE A 282 17.85 10.72 7.20
CA ILE A 282 16.58 11.09 6.60
C ILE A 282 15.74 9.85 6.32
N ASN A 283 14.47 9.89 6.75
CA ASN A 283 13.51 8.83 6.44
C ASN A 283 12.53 9.31 5.38
N VAL A 284 12.24 8.44 4.44
CA VAL A 284 11.27 8.76 3.41
C VAL A 284 10.23 7.64 3.39
N GLU A 285 8.99 7.98 3.77
CA GLU A 285 7.90 7.02 3.72
C GLU A 285 7.31 6.98 2.32
N ARG A 286 6.93 5.79 1.88
CA ARG A 286 6.33 5.57 0.57
C ARG A 286 5.11 4.69 0.80
N GLU A 287 3.92 5.21 0.55
CA GLU A 287 2.73 4.44 0.87
C GLU A 287 1.67 4.48 -0.22
N THR A 288 0.94 3.38 -0.35
CA THR A 288 -0.13 3.31 -1.32
C THR A 288 -1.23 4.26 -0.86
N ASN A 289 -1.98 4.82 -1.81
CA ASN A 289 -2.90 5.88 -1.47
C ASN A 289 -3.97 5.98 -2.53
N LEU A 290 -5.20 6.25 -2.10
CA LEU A 290 -6.32 6.40 -3.02
C LEU A 290 -6.28 7.78 -3.67
N ASN A 291 -5.76 7.87 -4.88
CA ASN A 291 -5.71 9.15 -5.60
C ASN A 291 -5.80 8.95 -7.12
N ILE A 292 -6.11 10.01 -7.85
CA ILE A 292 -6.07 9.96 -9.32
C ILE A 292 -5.51 11.27 -9.86
N GLY A 293 -4.55 11.16 -10.78
CA GLY A 293 -4.06 12.29 -11.54
C GLY A 293 -4.63 12.18 -12.95
N TYR A 294 -5.11 13.28 -13.50
CA TYR A 294 -5.83 13.22 -14.77
C TYR A 294 -5.63 14.49 -15.56
N TRP A 295 -6.05 14.44 -16.81
CA TRP A 295 -6.04 15.58 -17.70
C TRP A 295 -7.51 15.89 -17.98
N ALA A 296 -8.02 16.99 -17.40
CA ALA A 296 -9.42 17.40 -17.61
C ALA A 296 -9.60 18.41 -18.74
N PHE A 297 -10.63 18.21 -19.55
CA PHE A 297 -11.00 19.15 -20.62
C PHE A 297 -12.15 20.06 -20.18
N ASN A 298 -12.05 21.34 -20.49
CA ASN A 298 -13.17 22.22 -20.21
C ASN A 298 -14.24 21.91 -21.25
N THR A 299 -15.15 21.01 -20.89
CA THR A 299 -16.12 20.46 -21.82
C THR A 299 -17.17 21.46 -22.27
N GLU A 300 -17.20 22.65 -21.68
CA GLU A 300 -18.15 23.65 -22.14
C GLU A 300 -17.46 24.60 -23.12
N ARG A 301 -16.16 24.43 -23.31
CA ARG A 301 -15.43 25.34 -24.17
C ARG A 301 -15.04 24.73 -25.52
N PRO A 302 -15.63 25.22 -26.62
CA PRO A 302 -15.23 24.70 -27.93
C PRO A 302 -13.73 24.96 -28.15
N PRO A 303 -13.03 24.02 -28.79
CA PRO A 303 -13.57 22.80 -29.42
C PRO A 303 -13.64 21.60 -28.47
N PHE A 304 -13.29 21.79 -27.22
CA PHE A 304 -13.21 20.70 -26.25
C PHE A 304 -14.58 20.12 -25.90
N ASP A 305 -15.64 20.79 -26.36
CA ASP A 305 -17.00 20.28 -26.18
C ASP A 305 -17.28 19.20 -27.21
N ASN A 306 -16.38 19.08 -28.19
CA ASN A 306 -16.52 18.07 -29.23
C ASN A 306 -15.83 16.80 -28.78
N LEU A 307 -16.60 15.74 -28.60
CA LEU A 307 -16.05 14.45 -28.17
C LEU A 307 -14.92 13.94 -29.09
N LYS A 308 -15.04 14.15 -30.40
CA LYS A 308 -14.02 13.66 -31.33
C LYS A 308 -12.69 14.31 -31.05
N VAL A 309 -12.74 15.58 -30.67
CA VAL A 309 -11.54 16.31 -30.31
C VAL A 309 -10.92 15.69 -29.07
N ARG A 310 -11.75 15.42 -28.06
CA ARG A 310 -11.27 14.84 -26.80
C ARG A 310 -10.62 13.48 -27.04
N GLN A 311 -11.25 12.65 -27.86
CA GLN A 311 -10.71 11.35 -28.21
C GLN A 311 -9.36 11.52 -28.93
N ALA A 312 -9.34 12.40 -29.92
CA ALA A 312 -8.13 12.67 -30.67
C ALA A 312 -6.98 13.07 -29.76
N LEU A 313 -7.23 14.01 -28.86
CA LEU A 313 -6.17 14.53 -28.01
C LEU A 313 -5.55 13.43 -27.14
N VAL A 314 -6.38 12.59 -26.54
N VAL A 314 -6.38 12.58 -26.53
CA VAL A 314 -5.91 11.54 -25.66
CA VAL A 314 -5.87 11.55 -25.63
C VAL A 314 -4.96 10.57 -26.37
C VAL A 314 -4.97 10.51 -26.33
N HIS A 315 -5.37 10.08 -27.53
CA HIS A 315 -4.56 9.11 -28.29
C HIS A 315 -3.18 9.66 -28.71
N ALA A 316 -3.00 10.96 -28.60
CA ALA A 316 -1.77 11.61 -28.99
C ALA A 316 -0.71 11.57 -27.89
N ILE A 317 -1.10 11.18 -26.68
CA ILE A 317 -0.21 11.32 -25.52
C ILE A 317 0.60 10.07 -25.17
N ASP A 318 1.92 10.22 -25.17
CA ASP A 318 2.82 9.12 -24.82
C ASP A 318 2.87 8.93 -23.31
N ILE A 319 1.96 8.12 -22.81
CA ILE A 319 1.75 7.91 -21.38
C ILE A 319 2.91 7.16 -20.73
N GLU A 320 3.44 6.16 -21.43
CA GLU A 320 4.57 5.41 -20.90
C GLU A 320 5.77 6.30 -20.68
N LYS A 321 6.00 7.24 -21.59
CA LYS A 321 7.05 8.22 -21.41
C LYS A 321 6.79 9.01 -20.13
N ILE A 322 5.52 9.37 -19.92
CA ILE A 322 5.12 10.06 -18.70
C ILE A 322 5.32 9.19 -17.45
N MET A 323 4.89 7.93 -17.49
CA MET A 323 5.11 7.06 -16.32
C MET A 323 6.58 7.04 -15.92
N GLN A 324 7.47 7.22 -16.89
CA GLN A 324 8.89 7.16 -16.61
C GLN A 324 9.48 8.52 -16.23
N ALA A 325 9.26 9.55 -17.03
CA ALA A 325 9.91 10.85 -16.80
C ALA A 325 9.26 11.68 -15.70
N VAL A 326 7.96 11.45 -15.45
CA VAL A 326 7.27 12.20 -14.40
C VAL A 326 7.21 11.42 -13.10
N TYR A 327 6.69 10.20 -13.16
CA TYR A 327 6.50 9.40 -11.96
C TYR A 327 7.72 8.57 -11.59
N TYR A 328 8.73 8.56 -12.45
CA TYR A 328 9.94 7.79 -12.17
C TYR A 328 9.61 6.34 -11.88
N GLY A 329 8.63 5.78 -12.58
CA GLY A 329 8.27 4.38 -12.42
C GLY A 329 7.53 4.08 -11.12
N ASN A 330 7.29 5.10 -10.31
CA ASN A 330 6.63 4.89 -9.02
C ASN A 330 5.09 4.90 -9.07
N GLY A 331 4.50 5.46 -10.12
CA GLY A 331 3.06 5.43 -10.26
C GLY A 331 2.50 4.17 -10.90
N LEU A 332 1.20 3.95 -10.75
CA LEU A 332 0.49 2.90 -11.47
C LEU A 332 -0.34 3.54 -12.57
N ARG A 333 -0.18 3.06 -13.81
CA ARG A 333 -0.94 3.60 -14.92
C ARG A 333 -2.41 3.45 -14.61
N ALA A 334 -3.21 4.45 -14.99
CA ALA A 334 -4.63 4.43 -14.71
C ALA A 334 -5.38 3.54 -15.70
N ARG A 335 -6.28 2.72 -15.18
CA ARG A 335 -7.11 1.82 -15.98
C ARG A 335 -8.57 2.28 -15.88
N SER A 336 -8.75 3.40 -15.19
CA SER A 336 -10.07 3.90 -14.84
C SER A 336 -9.77 5.12 -14.03
N ILE A 337 -10.78 5.95 -13.78
CA ILE A 337 -10.61 7.08 -12.91
C ILE A 337 -10.34 6.59 -11.48
N LEU A 338 -10.86 5.42 -11.12
CA LEU A 338 -10.67 4.87 -9.78
C LEU A 338 -9.35 4.14 -9.67
N PRO A 339 -8.63 4.35 -8.57
CA PRO A 339 -7.40 3.62 -8.28
C PRO A 339 -7.71 2.13 -8.06
N PRO A 340 -6.75 1.27 -8.36
CA PRO A 340 -6.98 -0.18 -8.28
C PRO A 340 -7.30 -0.64 -6.86
N THR A 341 -7.00 0.19 -5.86
CA THR A 341 -7.27 -0.16 -4.46
C THR A 341 -8.69 0.23 -4.00
N SER A 342 -9.42 0.96 -4.85
CA SER A 342 -10.80 1.31 -4.53
C SER A 342 -11.66 0.06 -4.61
N TRP A 343 -12.59 -0.13 -3.68
CA TRP A 343 -13.41 -1.33 -3.79
C TRP A 343 -14.36 -1.35 -4.99
N ALA A 344 -14.55 -0.21 -5.64
CA ALA A 344 -15.40 -0.18 -6.82
C ALA A 344 -14.60 -0.22 -8.11
N PHE A 345 -13.28 -0.36 -7.99
CA PHE A 345 -12.42 -0.34 -9.17
C PHE A 345 -12.85 -1.34 -10.23
N GLU A 346 -12.84 -0.89 -11.48
CA GLU A 346 -13.10 -1.76 -12.61
C GLU A 346 -12.34 -1.20 -13.82
N PRO A 347 -11.40 -2.00 -14.34
CA PRO A 347 -10.59 -1.57 -15.48
C PRO A 347 -11.48 -1.43 -16.70
N GLN A 348 -11.25 -0.37 -17.48
CA GLN A 348 -12.09 -0.08 -18.63
C GLN A 348 -11.46 -0.57 -19.93
N LYS A 349 -12.19 -1.48 -20.60
CA LYS A 349 -11.74 -2.13 -21.82
C LYS A 349 -11.26 -1.14 -22.87
N ASN A 350 -11.97 -0.03 -23.02
CA ASN A 350 -11.70 0.95 -24.07
C ASN A 350 -10.80 2.10 -23.66
N MET A 351 -9.94 1.93 -22.66
CA MET A 351 -9.02 3.02 -22.33
C MET A 351 -8.28 3.36 -23.60
N PRO A 352 -8.18 4.65 -23.90
CA PRO A 352 -7.43 5.08 -25.09
C PRO A 352 -6.00 4.60 -25.02
N ILE A 353 -5.46 4.12 -26.12
CA ILE A 353 -4.05 3.78 -26.19
C ILE A 353 -3.29 4.83 -27.00
N PHE A 354 -2.00 4.97 -26.74
CA PHE A 354 -1.15 5.92 -27.43
C PHE A 354 -1.04 5.54 -28.91
N ASP A 355 -1.49 6.43 -29.78
CA ASP A 355 -1.48 6.18 -31.22
C ASP A 355 -1.57 7.49 -32.01
N PRO A 356 -0.42 8.10 -32.31
CA PRO A 356 -0.41 9.44 -32.93
C PRO A 356 -1.13 9.47 -34.28
N GLN A 357 -1.00 8.39 -35.04
CA GLN A 357 -1.66 8.29 -36.33
C GLN A 357 -3.17 8.30 -36.16
N LEU A 358 -3.67 7.52 -35.22
CA LEU A 358 -5.10 7.48 -34.94
C LEU A 358 -5.55 8.85 -34.42
N ALA A 359 -4.67 9.49 -33.64
CA ALA A 359 -4.93 10.84 -33.09
C ALA A 359 -5.12 11.86 -34.20
N LYS A 360 -4.19 11.85 -35.16
CA LYS A 360 -4.24 12.70 -36.34
C LYS A 360 -5.51 12.47 -37.15
N LYS A 361 -5.89 11.19 -37.28
CA LYS A 361 -7.05 10.80 -38.06
C LYS A 361 -8.37 11.30 -37.47
N LEU A 362 -8.44 11.31 -36.15
CA LEU A 362 -9.63 11.80 -35.46
C LEU A 362 -9.68 13.31 -35.49
N LEU A 363 -8.52 13.94 -35.29
CA LEU A 363 -8.42 15.39 -35.25
C LEU A 363 -8.96 15.97 -36.56
N THR A 364 -8.65 15.30 -37.66
CA THR A 364 -9.11 15.70 -38.98
C THR A 364 -10.63 15.56 -39.12
N GLU A 365 -11.12 14.36 -38.81
CA GLU A 365 -12.55 14.08 -38.82
C GLU A 365 -13.30 15.04 -37.90
N ALA A 366 -12.60 15.56 -36.89
CA ALA A 366 -13.18 16.55 -35.99
C ALA A 366 -13.21 17.92 -36.66
N GLY A 367 -12.43 18.04 -37.73
CA GLY A 367 -12.42 19.24 -38.55
C GLY A 367 -11.18 20.08 -38.33
N TYR A 368 -10.10 19.44 -37.88
CA TYR A 368 -8.94 20.17 -37.42
C TYR A 368 -7.63 19.58 -37.93
N GLU A 369 -7.57 19.24 -39.20
CA GLU A 369 -6.35 18.67 -39.72
C GLU A 369 -5.21 19.68 -39.80
N LYS A 370 -5.53 20.95 -39.54
CA LYS A 370 -4.47 21.95 -39.36
C LYS A 370 -4.27 22.26 -37.88
N GLY A 371 -4.93 21.49 -37.02
CA GLY A 371 -4.79 21.66 -35.59
C GLY A 371 -5.34 22.95 -35.04
N PHE A 372 -4.91 23.29 -33.82
CA PHE A 372 -5.39 24.49 -33.17
C PHE A 372 -4.49 24.79 -31.99
N ASP A 373 -4.66 25.96 -31.37
CA ASP A 373 -3.96 26.27 -30.14
C ASP A 373 -4.81 25.86 -28.95
N MET A 374 -4.15 25.49 -27.86
CA MET A 374 -4.88 25.22 -26.63
C MET A 374 -3.95 25.42 -25.45
N SER A 375 -4.54 25.71 -24.30
CA SER A 375 -3.78 25.79 -23.06
C SER A 375 -3.91 24.49 -22.26
N ILE A 376 -2.83 24.16 -21.58
CA ILE A 376 -2.81 23.11 -20.58
C ILE A 376 -2.32 23.79 -19.31
N TRP A 377 -3.22 23.92 -18.35
CA TRP A 377 -2.86 24.51 -17.06
C TRP A 377 -2.12 23.48 -16.22
N ALA A 378 -0.98 23.89 -15.69
CA ALA A 378 -0.16 23.00 -14.87
C ALA A 378 0.06 23.57 -13.47
N MET A 379 -0.20 22.71 -12.49
CA MET A 379 0.11 22.95 -11.08
C MET A 379 1.58 23.22 -10.87
N PRO A 380 1.89 24.20 -10.03
CA PRO A 380 3.27 24.58 -9.68
C PRO A 380 3.85 23.77 -8.54
N VAL A 381 3.04 22.90 -7.89
CA VAL A 381 3.56 22.11 -6.79
C VAL A 381 3.31 20.63 -6.96
N SER A 382 4.19 19.85 -6.35
CA SER A 382 4.06 18.42 -6.37
C SER A 382 2.80 17.99 -5.60
N ARG A 383 2.07 17.02 -6.15
CA ARG A 383 0.93 16.40 -5.48
C ARG A 383 1.12 14.87 -5.52
N ILE A 384 0.47 14.15 -4.63
CA ILE A 384 0.53 12.68 -4.62
C ILE A 384 0.23 12.12 -6.00
N TYR A 385 -0.81 12.66 -6.64
CA TYR A 385 -1.25 12.13 -7.92
C TYR A 385 -0.50 12.69 -9.15
N ASN A 386 0.36 13.69 -8.95
CA ASN A 386 1.18 14.25 -10.03
C ASN A 386 2.38 14.99 -9.45
N PRO A 387 3.54 14.32 -9.38
CA PRO A 387 4.73 14.93 -8.77
C PRO A 387 5.33 16.09 -9.56
N ASN A 388 4.89 16.30 -10.79
CA ASN A 388 5.49 17.37 -11.58
C ASN A 388 4.64 17.72 -12.80
N ALA A 389 3.61 18.54 -12.56
CA ALA A 389 2.67 18.86 -13.62
C ALA A 389 3.34 19.62 -14.78
N ARG A 390 4.29 20.49 -14.45
CA ARG A 390 5.02 21.22 -15.45
C ARG A 390 5.71 20.26 -16.44
N LYS A 391 6.54 19.35 -15.93
CA LYS A 391 7.22 18.39 -16.78
C LYS A 391 6.20 17.61 -17.61
N MET A 392 5.10 17.20 -16.99
CA MET A 392 4.08 16.45 -17.72
C MET A 392 3.47 17.29 -18.88
N ALA A 393 3.13 18.53 -18.58
CA ALA A 393 2.67 19.50 -19.58
C ALA A 393 3.65 19.65 -20.74
N GLU A 394 4.94 19.74 -20.43
CA GLU A 394 5.97 19.92 -21.46
C GLU A 394 6.07 18.68 -22.33
N LEU A 395 5.95 17.50 -21.73
CA LEU A 395 5.96 16.28 -22.49
C LEU A 395 4.75 16.24 -23.42
N MET A 396 3.61 16.70 -22.91
CA MET A 396 2.37 16.71 -23.67
C MET A 396 2.39 17.72 -24.82
N GLN A 397 2.89 18.91 -24.52
CA GLN A 397 3.14 19.92 -25.52
C GLN A 397 3.94 19.35 -26.70
N SER A 398 5.02 18.63 -26.39
CA SER A 398 5.84 17.99 -27.42
C SER A 398 5.08 16.93 -28.22
N ASP A 399 4.39 16.02 -27.54
CA ASP A 399 3.54 15.05 -28.22
C ASP A 399 2.50 15.70 -29.12
N LEU A 400 1.83 16.73 -28.60
CA LEU A 400 0.69 17.32 -29.28
C LEU A 400 1.12 18.14 -30.49
N ARG A 401 2.28 18.78 -30.38
CA ARG A 401 2.86 19.50 -31.51
C ARG A 401 2.92 18.59 -32.73
N LYS A 402 3.17 17.30 -32.50
CA LYS A 402 3.32 16.34 -33.60
C LYS A 402 2.04 16.11 -34.42
N ILE A 403 0.89 16.49 -33.88
CA ILE A 403 -0.33 16.40 -34.69
C ILE A 403 -0.92 17.78 -34.95
N GLY A 404 -0.10 18.81 -34.76
CA GLY A 404 -0.49 20.17 -35.07
C GLY A 404 -1.27 20.93 -34.01
N VAL A 405 -1.36 20.36 -32.81
CA VAL A 405 -1.96 21.09 -31.70
C VAL A 405 -0.89 21.88 -30.94
N ASN A 406 -1.04 23.20 -30.94
CA ASN A 406 -0.05 24.09 -30.36
C ASN A 406 -0.40 24.43 -28.91
N VAL A 407 0.33 23.85 -27.98
CA VAL A 407 0.02 24.02 -26.55
C VAL A 407 0.79 25.19 -25.96
N ASN A 408 0.12 26.03 -25.19
CA ASN A 408 0.82 26.91 -24.27
C ASN A 408 0.51 26.51 -22.85
N ILE A 409 1.55 26.46 -22.03
CA ILE A 409 1.43 25.99 -20.66
C ILE A 409 1.07 27.16 -19.76
N VAL A 410 0.01 27.01 -18.95
CA VAL A 410 -0.36 28.07 -18.02
C VAL A 410 -0.12 27.63 -16.57
N GLU A 411 0.44 28.51 -15.77
CA GLU A 411 0.80 28.16 -14.41
C GLU A 411 0.71 29.38 -13.47
N TYR A 412 0.13 29.18 -12.29
CA TYR A 412 0.06 30.24 -11.29
C TYR A 412 0.34 29.68 -9.91
N GLU A 413 0.59 30.56 -8.95
CA GLU A 413 0.65 30.17 -7.54
C GLU A 413 -0.50 29.20 -7.19
N TRP A 414 -0.20 28.21 -6.36
CA TRP A 414 -1.11 27.10 -6.08
C TRP A 414 -2.54 27.50 -5.75
N ASN A 415 -2.72 28.35 -4.75
CA ASN A 415 -4.07 28.70 -4.34
C ASN A 415 -4.78 29.50 -5.43
N THR A 416 -4.05 30.39 -6.09
CA THR A 416 -4.62 31.15 -7.20
C THR A 416 -5.04 30.21 -8.32
N PHE A 417 -4.15 29.26 -8.60
CA PHE A 417 -4.39 28.23 -9.59
C PHE A 417 -5.73 27.50 -9.33
N ILE A 418 -5.92 26.99 -8.12
CA ILE A 418 -7.14 26.26 -7.76
C ILE A 418 -8.39 27.13 -7.93
N GLN A 419 -8.25 28.40 -7.58
CA GLN A 419 -9.36 29.34 -7.70
C GLN A 419 -9.78 29.59 -9.17
N ARG A 420 -8.80 29.71 -10.06
CA ARG A 420 -9.09 29.99 -11.46
C ARG A 420 -9.59 28.76 -12.20
N ILE A 421 -9.11 27.59 -11.79
CA ILE A 421 -9.62 26.36 -12.34
C ILE A 421 -11.06 26.21 -11.86
N GLY A 422 -11.31 26.63 -10.62
CA GLY A 422 -12.65 26.62 -10.07
C GLY A 422 -13.62 27.50 -10.85
N GLU A 423 -13.08 28.57 -11.44
CA GLU A 423 -13.86 29.42 -12.34
C GLU A 423 -13.88 28.91 -13.78
N HIS A 424 -13.30 27.73 -14.00
CA HIS A 424 -13.22 27.12 -15.32
C HIS A 424 -12.61 28.05 -16.39
N ARG A 425 -11.59 28.79 -16.01
CA ARG A 425 -10.90 29.63 -17.00
C ARG A 425 -10.08 28.86 -18.05
N HIS A 426 -9.75 27.60 -17.78
CA HIS A 426 -8.77 26.85 -18.58
C HIS A 426 -9.38 26.18 -19.81
N ASP A 427 -8.55 25.84 -20.80
CA ASP A 427 -8.99 24.95 -21.90
C ASP A 427 -8.93 23.50 -21.41
N SER A 428 -7.86 23.19 -20.69
CA SER A 428 -7.61 21.85 -20.16
C SER A 428 -6.66 22.00 -18.99
N VAL A 429 -6.66 21.03 -18.09
CA VAL A 429 -5.86 21.15 -16.87
C VAL A 429 -5.36 19.80 -16.38
N LEU A 430 -4.13 19.81 -15.89
CA LEU A 430 -3.57 18.67 -15.21
C LEU A 430 -3.86 18.86 -13.73
N LEU A 431 -4.77 18.04 -13.21
CA LEU A 431 -5.12 18.09 -11.81
C LEU A 431 -5.40 16.68 -11.31
N GLY A 432 -6.21 16.56 -10.28
CA GLY A 432 -6.51 15.27 -9.73
C GLY A 432 -7.15 15.35 -8.36
N TRP A 433 -7.18 14.23 -7.66
CA TRP A 433 -7.88 14.19 -6.41
C TRP A 433 -7.26 13.12 -5.53
N ALA A 434 -6.96 13.49 -4.28
CA ALA A 434 -6.53 12.54 -3.28
C ALA A 434 -7.74 12.33 -2.39
N ALA A 435 -8.17 11.08 -2.29
CA ALA A 435 -9.45 10.78 -1.66
C ALA A 435 -9.41 11.11 -0.18
N ASP A 436 -10.52 11.61 0.34
CA ASP A 436 -10.64 11.95 1.75
C ASP A 436 -11.19 10.75 2.55
N THR A 437 -11.81 9.80 1.85
CA THR A 437 -12.36 8.59 2.48
C THR A 437 -12.17 7.45 1.49
N PRO A 438 -12.37 6.20 1.96
CA PRO A 438 -12.35 5.07 1.04
C PRO A 438 -13.72 4.81 0.41
N ASP A 439 -14.64 5.76 0.51
CA ASP A 439 -15.93 5.63 -0.18
C ASP A 439 -15.86 6.14 -1.60
N PRO A 440 -16.19 5.28 -2.57
CA PRO A 440 -15.95 5.60 -3.98
C PRO A 440 -16.65 6.87 -4.43
N ASP A 441 -17.74 7.22 -3.77
CA ASP A 441 -18.46 8.44 -4.12
C ASP A 441 -17.54 9.66 -4.04
N ASN A 442 -16.54 9.57 -3.17
CA ASN A 442 -15.62 10.66 -2.92
C ASN A 442 -14.83 11.01 -4.18
N PHE A 443 -14.73 10.06 -5.11
CA PHE A 443 -14.09 10.33 -6.39
C PHE A 443 -15.08 10.91 -7.41
N PHE A 444 -16.36 10.58 -7.26
CA PHE A 444 -17.33 10.93 -8.29
C PHE A 444 -18.06 12.25 -8.05
N SER A 445 -18.75 12.37 -6.92
CA SER A 445 -19.51 13.58 -6.65
C SER A 445 -18.67 14.86 -6.59
N PRO A 446 -17.53 14.83 -5.89
CA PRO A 446 -16.82 16.12 -5.77
C PRO A 446 -16.12 16.49 -7.06
N LEU A 447 -16.04 15.55 -8.00
CA LEU A 447 -15.21 15.66 -9.20
C LEU A 447 -15.98 15.91 -10.50
N LEU A 448 -17.01 15.10 -10.73
CA LEU A 448 -17.71 15.11 -12.01
C LEU A 448 -19.21 15.42 -11.96
N SER A 449 -19.73 15.80 -10.81
CA SER A 449 -21.17 16.00 -10.72
C SER A 449 -21.58 17.44 -11.06
N CYS A 450 -22.87 17.60 -11.39
CA CYS A 450 -23.40 18.92 -11.73
C CYS A 450 -23.20 19.93 -10.61
N THR A 451 -23.56 19.56 -9.39
CA THR A 451 -23.46 20.50 -8.28
C THR A 451 -22.00 20.88 -8.03
N ALA A 452 -21.09 19.92 -8.20
CA ALA A 452 -19.66 20.22 -8.13
C ALA A 452 -19.29 21.34 -9.12
N THR A 453 -19.79 21.25 -10.34
CA THR A 453 -19.53 22.27 -11.35
C THR A 453 -20.05 23.65 -10.92
N PHE A 454 -21.19 23.67 -10.25
CA PHE A 454 -21.83 24.93 -9.84
C PHE A 454 -21.27 25.50 -8.52
N SER A 455 -20.35 24.77 -7.90
CA SER A 455 -19.76 25.20 -6.64
C SER A 455 -18.25 25.45 -6.80
N GLY A 456 -17.81 25.75 -8.01
CA GLY A 456 -16.42 26.09 -8.23
C GLY A 456 -15.46 24.91 -8.18
N LYS A 457 -15.99 23.73 -8.47
CA LYS A 457 -15.21 22.51 -8.60
C LYS A 457 -15.51 21.88 -9.95
N ASN A 458 -15.11 20.63 -10.15
CA ASN A 458 -15.34 19.94 -11.42
C ASN A 458 -14.54 20.47 -12.61
N PRO A 459 -13.15 20.31 -12.52
CA PRO A 459 -12.42 20.89 -13.67
C PRO A 459 -12.92 20.59 -15.09
N ALA A 460 -13.57 19.46 -15.30
CA ALA A 460 -14.10 19.14 -16.62
C ALA A 460 -15.27 20.03 -17.01
N ASN A 461 -15.80 20.77 -16.03
CA ASN A 461 -16.95 21.64 -16.29
C ASN A 461 -18.11 20.84 -16.83
N TRP A 462 -18.21 19.61 -16.35
CA TRP A 462 -19.08 18.60 -16.94
C TRP A 462 -20.35 18.43 -16.12
N CYS A 463 -21.48 18.81 -16.69
CA CYS A 463 -22.76 18.52 -16.05
C CYS A 463 -23.53 17.55 -16.91
N ASN A 464 -23.64 16.31 -16.43
CA ASN A 464 -24.36 15.27 -17.12
C ASN A 464 -25.30 14.55 -16.15
N PRO A 465 -26.59 14.93 -16.17
CA PRO A 465 -27.58 14.41 -15.23
C PRO A 465 -27.72 12.90 -15.29
N GLU A 466 -27.51 12.33 -16.47
CA GLU A 466 -27.55 10.87 -16.61
C GLU A 466 -26.41 10.22 -15.83
N PHE A 467 -25.25 10.87 -15.81
CA PHE A 467 -24.14 10.47 -14.95
C PHE A 467 -24.51 10.71 -13.47
N ASP A 468 -25.01 11.89 -13.16
CA ASP A 468 -25.44 12.22 -11.79
C ASP A 468 -26.47 11.22 -11.26
N LEU A 469 -27.38 10.81 -12.14
CA LEU A 469 -28.39 9.82 -11.76
C LEU A 469 -27.75 8.53 -11.22
N LEU A 470 -26.72 8.04 -11.90
CA LEU A 470 -25.99 6.84 -11.45
C LEU A 470 -25.44 7.03 -10.03
N LEU A 471 -24.88 8.20 -9.75
CA LEU A 471 -24.31 8.46 -8.43
C LEU A 471 -25.38 8.50 -7.33
N THR A 472 -26.56 9.02 -7.67
CA THR A 472 -27.68 9.09 -6.75
C THR A 472 -28.14 7.68 -6.40
N LYS A 473 -28.24 6.83 -7.42
CA LYS A 473 -28.67 5.47 -7.22
C LYS A 473 -27.65 4.69 -6.41
N ALA A 474 -26.36 4.91 -6.68
CA ALA A 474 -25.32 4.30 -5.85
C ALA A 474 -25.44 4.69 -4.37
N LEU A 475 -26.10 5.81 -4.09
CA LEU A 475 -26.22 6.31 -2.72
C LEU A 475 -27.56 5.92 -2.10
N ASP A 476 -28.52 5.51 -2.94
CA ASP A 476 -29.83 5.08 -2.47
C ASP A 476 -29.75 3.71 -1.81
N THR A 477 -28.61 3.05 -1.92
CA THR A 477 -28.48 1.71 -1.37
C THR A 477 -27.20 1.55 -0.58
N THR A 478 -27.22 0.69 0.44
CA THR A 478 -26.03 0.37 1.24
C THR A 478 -25.35 -0.91 0.76
N ASP A 479 -26.07 -1.65 -0.09
CA ASP A 479 -25.58 -2.92 -0.64
C ASP A 479 -24.36 -2.75 -1.56
N LEU A 480 -23.21 -3.22 -1.10
CA LEU A 480 -21.96 -3.02 -1.84
C LEU A 480 -22.05 -3.45 -3.30
N ASN A 481 -22.59 -4.65 -3.54
CA ASN A 481 -22.73 -5.16 -4.89
C ASN A 481 -23.59 -4.25 -5.75
N LEU A 482 -24.69 -3.77 -5.19
CA LEU A 482 -25.57 -2.91 -5.95
C LEU A 482 -24.86 -1.58 -6.23
N ARG A 483 -24.19 -1.03 -5.22
CA ARG A 483 -23.41 0.20 -5.42
C ARG A 483 -22.37 0.05 -6.52
N LYS A 484 -21.61 -1.04 -6.46
CA LYS A 484 -20.55 -1.25 -7.44
C LYS A 484 -21.08 -1.30 -8.88
N GLN A 485 -22.28 -1.82 -9.06
CA GLN A 485 -22.87 -1.90 -10.41
C GLN A 485 -23.02 -0.52 -11.02
N TYR A 486 -23.50 0.43 -10.23
CA TYR A 486 -23.62 1.81 -10.66
C TYR A 486 -22.26 2.48 -10.86
N TYR A 487 -21.36 2.27 -9.91
CA TYR A 487 -20.01 2.79 -10.10
C TYR A 487 -19.32 2.17 -11.31
N ASP A 488 -19.67 0.93 -11.66
CA ASP A 488 -19.16 0.32 -12.89
C ASP A 488 -19.61 1.12 -14.11
N ALA A 489 -20.91 1.43 -14.16
CA ALA A 489 -21.47 2.16 -15.27
C ALA A 489 -20.98 3.61 -15.27
N ALA A 490 -20.73 4.17 -14.08
CA ALA A 490 -20.20 5.53 -14.00
C ALA A 490 -18.77 5.56 -14.56
N GLN A 491 -17.98 4.56 -14.19
CA GLN A 491 -16.62 4.44 -14.72
C GLN A 491 -16.59 4.31 -16.24
N SER A 492 -17.45 3.46 -16.79
CA SER A 492 -17.51 3.29 -18.25
C SER A 492 -17.93 4.58 -18.97
N MET A 493 -18.87 5.30 -18.37
CA MET A 493 -19.32 6.56 -18.92
C MET A 493 -18.19 7.59 -19.01
N ILE A 494 -17.35 7.67 -17.98
CA ILE A 494 -16.26 8.64 -17.99
C ILE A 494 -15.29 8.34 -19.15
N ILE A 495 -15.04 7.06 -19.40
CA ILE A 495 -14.13 6.68 -20.47
C ILE A 495 -14.73 6.93 -21.86
N GLU A 496 -16.02 6.66 -22.02
N GLU A 496 -16.01 6.63 -22.01
CA GLU A 496 -16.67 6.85 -23.31
CA GLU A 496 -16.70 6.85 -23.28
C GLU A 496 -16.85 8.33 -23.66
C GLU A 496 -16.78 8.34 -23.64
N GLN A 497 -17.15 9.16 -22.65
CA GLN A 497 -17.36 10.58 -22.87
C GLN A 497 -16.09 11.42 -22.64
N LEU A 498 -15.14 10.87 -21.90
CA LEU A 498 -13.87 11.54 -21.67
C LEU A 498 -13.99 13.00 -21.23
N PRO A 499 -14.81 13.28 -20.20
CA PRO A 499 -14.75 14.64 -19.65
C PRO A 499 -13.31 14.90 -19.16
N LEU A 500 -12.68 13.85 -18.63
CA LEU A 500 -11.27 13.90 -18.30
C LEU A 500 -10.59 12.57 -18.63
N TYR A 501 -9.26 12.60 -18.71
CA TYR A 501 -8.47 11.44 -19.06
C TYR A 501 -7.65 11.04 -17.84
N PRO A 502 -8.02 9.91 -17.21
CA PRO A 502 -7.28 9.34 -16.08
C PRO A 502 -5.87 8.94 -16.53
N ILE A 503 -4.88 9.33 -15.75
CA ILE A 503 -3.51 9.15 -16.19
C ILE A 503 -2.76 8.15 -15.32
N ALA A 504 -2.75 8.40 -14.02
CA ALA A 504 -1.95 7.58 -13.11
C ALA A 504 -2.43 7.75 -11.68
N HIS A 505 -1.98 6.84 -10.83
CA HIS A 505 -2.17 6.92 -9.39
C HIS A 505 -0.77 6.92 -8.79
N GLY A 506 -0.51 7.85 -7.88
CA GLY A 506 0.84 8.01 -7.37
C GLY A 506 1.00 7.38 -6.00
N MET A 507 2.25 7.23 -5.56
CA MET A 507 2.50 6.82 -4.18
C MET A 507 2.52 8.08 -3.33
N ARG A 508 2.19 7.93 -2.06
CA ARG A 508 2.30 9.03 -1.13
C ARG A 508 3.67 8.99 -0.49
N PHE A 509 4.43 10.07 -0.63
CA PHE A 509 5.77 10.16 -0.05
C PHE A 509 5.82 11.27 0.99
N GLN A 510 6.74 11.14 1.95
CA GLN A 510 7.00 12.18 2.93
C GLN A 510 8.42 11.99 3.45
N ALA A 511 9.18 13.06 3.48
CA ALA A 511 10.52 13.01 4.02
C ALA A 511 10.55 13.63 5.41
N SER A 512 11.36 13.05 6.29
CA SER A 512 11.50 13.58 7.64
C SER A 512 12.86 13.23 8.21
N SER A 513 13.35 14.08 9.11
CA SER A 513 14.56 13.76 9.85
C SER A 513 14.33 12.49 10.65
N ALA A 514 15.38 11.67 10.81
CA ALA A 514 15.26 10.42 11.56
C ALA A 514 14.88 10.62 13.02
N ASP A 515 14.97 11.86 13.50
CA ASP A 515 14.58 12.16 14.89
C ASP A 515 13.07 12.17 15.14
N VAL A 516 12.28 12.21 14.08
N VAL A 516 12.28 12.17 14.07
CA VAL A 516 10.84 12.32 14.22
CA VAL A 516 10.83 12.32 14.15
C VAL A 516 10.15 10.97 14.14
C VAL A 516 10.10 10.98 14.08
N GLU A 517 9.13 10.78 14.97
CA GLU A 517 8.36 9.56 14.98
C GLU A 517 6.91 9.92 15.04
N GLY A 518 6.05 8.91 14.87
CA GLY A 518 4.64 9.03 15.16
C GLY A 518 3.86 9.76 14.09
N ILE A 519 4.42 9.81 12.88
CA ILE A 519 3.70 10.45 11.80
C ILE A 519 2.92 9.45 10.94
N THR A 520 1.65 9.77 10.73
CA THR A 520 0.69 8.87 10.08
C THR A 520 0.45 9.22 8.59
N LEU A 521 0.90 8.31 7.70
CA LEU A 521 0.72 8.46 6.26
C LEU A 521 -0.22 7.40 5.67
N GLY A 522 -1.52 7.68 5.69
CA GLY A 522 -2.49 6.67 5.30
C GLY A 522 -2.93 6.72 3.84
N PRO A 523 -3.82 5.81 3.47
CA PRO A 523 -4.33 5.65 2.09
C PRO A 523 -5.43 6.64 1.72
N PHE A 524 -5.90 7.44 2.68
CA PHE A 524 -6.81 8.54 2.39
C PHE A 524 -6.70 9.63 3.46
N GLY A 525 -7.17 10.82 3.13
CA GLY A 525 -7.26 11.88 4.11
C GLY A 525 -5.97 12.62 4.35
N ALA A 526 -6.07 13.71 5.10
CA ALA A 526 -4.94 14.61 5.30
C ALA A 526 -3.93 14.07 6.31
N ILE A 527 -2.73 14.64 6.29
CA ILE A 527 -1.68 14.32 7.24
C ILE A 527 -2.10 14.70 8.65
N SER A 528 -1.64 13.93 9.64
CA SER A 528 -1.85 14.29 11.03
C SER A 528 -0.55 14.29 11.78
N LEU A 529 -0.32 15.34 12.57
CA LEU A 529 0.83 15.39 13.46
C LEU A 529 0.44 15.18 14.92
N ALA A 530 -0.80 14.75 15.15
CA ALA A 530 -1.33 14.63 16.51
C ALA A 530 -0.47 13.76 17.42
N ASN A 531 0.24 12.80 16.84
CA ASN A 531 1.05 11.84 17.62
C ASN A 531 2.53 12.01 17.34
N ALA A 532 2.87 13.14 16.71
CA ALA A 532 4.24 13.41 16.32
C ALA A 532 5.12 13.66 17.54
N ARG A 533 6.35 13.15 17.49
CA ARG A 533 7.31 13.44 18.55
C ARG A 533 8.75 13.36 18.08
N LYS A 534 9.65 13.94 18.86
CA LYS A 534 11.08 13.90 18.54
C LYS A 534 11.94 13.02 19.47
N LYS A 535 13.13 12.68 18.98
CA LYS A 535 14.16 11.87 19.67
C LYS A 535 13.79 10.38 19.67
N GLN B 29 24.13 -3.84 24.44
CA GLN B 29 22.74 -4.26 24.60
C GLN B 29 22.35 -5.35 23.59
N GLY B 30 21.31 -6.09 23.94
CA GLY B 30 20.85 -7.19 23.12
C GLY B 30 19.40 -7.03 22.72
N LEU B 31 18.94 -7.93 21.87
CA LEU B 31 17.55 -7.93 21.43
C LEU B 31 17.04 -9.37 21.38
N VAL B 32 15.88 -9.61 21.96
CA VAL B 32 15.25 -10.93 21.92
C VAL B 32 14.06 -10.90 20.95
N TYR B 33 14.10 -11.76 19.96
CA TYR B 33 13.03 -11.80 18.97
C TYR B 33 12.27 -13.11 19.11
N CYS B 34 10.96 -13.03 19.30
CA CYS B 34 10.10 -14.22 19.43
C CYS B 34 9.70 -14.77 18.08
N ALA B 35 10.31 -15.90 17.70
CA ALA B 35 10.13 -16.50 16.39
C ALA B 35 9.07 -17.61 16.39
N GLU B 36 8.38 -17.80 15.27
CA GLU B 36 7.32 -18.82 15.23
C GLU B 36 7.79 -20.25 14.93
N ALA B 37 9.05 -20.44 14.53
CA ALA B 37 9.50 -21.79 14.14
C ALA B 37 11.01 -21.91 14.06
N ASN B 38 11.48 -23.14 14.16
CA ASN B 38 12.88 -23.43 13.91
C ASN B 38 13.28 -23.02 12.50
N PRO B 39 14.51 -22.49 12.36
CA PRO B 39 15.09 -22.38 11.01
C PRO B 39 15.37 -23.79 10.50
N VAL B 40 15.01 -24.09 9.25
CA VAL B 40 15.22 -25.41 8.69
C VAL B 40 16.64 -25.55 8.19
N SER B 41 17.36 -24.42 8.19
CA SER B 41 18.71 -24.37 7.65
C SER B 41 19.34 -23.01 7.95
N PHE B 42 20.66 -22.90 7.77
CA PHE B 42 21.29 -21.59 7.87
C PHE B 42 21.76 -21.09 6.51
N ASN B 43 21.30 -21.78 5.47
CA ASN B 43 21.51 -21.37 4.09
C ASN B 43 20.17 -21.08 3.39
N PRO B 44 19.92 -19.80 3.08
CA PRO B 44 18.67 -19.39 2.43
C PRO B 44 18.42 -20.13 1.11
N GLN B 45 19.47 -20.59 0.45
CA GLN B 45 19.30 -21.25 -0.84
C GLN B 45 18.36 -22.46 -0.79
N VAL B 46 18.27 -23.12 0.37
CA VAL B 46 17.56 -24.43 0.43
C VAL B 46 16.11 -24.42 0.91
N THR B 47 15.51 -23.24 1.10
CA THR B 47 14.13 -23.17 1.57
C THR B 47 13.42 -21.94 1.00
N THR B 48 12.09 -21.96 0.94
CA THR B 48 11.33 -20.75 0.65
C THR B 48 10.55 -20.29 1.88
N THR B 49 10.67 -21.03 2.98
CA THR B 49 9.87 -20.76 4.17
C THR B 49 10.22 -19.44 4.86
N GLY B 50 9.25 -18.54 4.95
CA GLY B 50 9.46 -17.24 5.55
C GLY B 50 10.03 -17.25 6.96
N SER B 51 9.64 -18.23 7.75
CA SER B 51 10.10 -18.30 9.14
C SER B 51 11.61 -18.43 9.22
N THR B 52 12.19 -19.21 8.31
CA THR B 52 13.63 -19.43 8.29
C THR B 52 14.32 -18.18 7.77
N ILE B 53 13.88 -17.72 6.60
CA ILE B 53 14.42 -16.52 5.97
C ILE B 53 14.48 -15.31 6.92
N ASP B 54 13.39 -15.05 7.64
CA ASP B 54 13.33 -13.95 8.60
C ASP B 54 14.48 -14.02 9.58
N ILE B 55 14.86 -15.24 9.93
CA ILE B 55 15.91 -15.42 10.90
C ILE B 55 17.27 -15.22 10.26
N ILE B 56 17.50 -15.86 9.12
CA ILE B 56 18.86 -15.98 8.63
C ILE B 56 19.32 -14.99 7.55
N ALA B 57 18.45 -14.55 6.66
CA ALA B 57 18.91 -13.97 5.40
C ALA B 57 19.56 -12.58 5.53
N ASN B 58 18.87 -11.63 6.16
CA ASN B 58 19.43 -10.30 6.31
C ASN B 58 20.37 -10.16 7.48
N GLN B 59 20.29 -11.08 8.43
CA GLN B 59 21.14 -10.97 9.61
C GLN B 59 22.54 -11.48 9.35
N LEU B 60 22.64 -12.60 8.63
CA LEU B 60 23.94 -13.27 8.43
C LEU B 60 24.60 -12.98 7.09
N TYR B 61 23.81 -12.55 6.11
CA TYR B 61 24.27 -12.49 4.73
C TYR B 61 24.06 -11.13 4.07
N ASP B 62 24.70 -10.93 2.93
CA ASP B 62 24.37 -9.85 2.00
C ASP B 62 24.12 -10.42 0.62
N ARG B 63 23.29 -9.75 -0.17
CA ARG B 63 23.10 -10.08 -1.58
C ARG B 63 24.02 -9.26 -2.49
N LEU B 64 23.99 -9.55 -3.78
CA LEU B 64 24.69 -8.72 -4.76
C LEU B 64 23.96 -7.38 -4.87
N ILE B 65 22.63 -7.46 -4.93
CA ILE B 65 21.80 -6.26 -5.06
C ILE B 65 20.51 -6.41 -4.27
N SER B 66 19.90 -5.27 -3.97
CA SER B 66 18.58 -5.26 -3.38
C SER B 66 17.66 -4.30 -4.14
N ILE B 67 16.50 -4.03 -3.56
CA ILE B 67 15.56 -3.06 -4.11
C ILE B 67 15.35 -1.99 -3.07
N ASP B 68 15.69 -0.76 -3.41
CA ASP B 68 15.63 0.36 -2.47
C ASP B 68 14.19 0.59 -2.00
N PRO B 69 13.99 0.73 -0.68
CA PRO B 69 12.65 0.90 -0.09
C PRO B 69 12.00 2.27 -0.41
N VAL B 70 12.78 3.27 -0.80
CA VAL B 70 12.17 4.53 -1.20
C VAL B 70 12.06 4.75 -2.72
N THR B 71 13.13 4.45 -3.46
CA THR B 71 13.12 4.69 -4.89
C THR B 71 12.55 3.50 -5.65
N ALA B 72 12.53 2.34 -5.00
CA ALA B 72 12.17 1.07 -5.67
C ALA B 72 13.03 0.81 -6.91
N GLU B 73 14.26 1.31 -6.90
CA GLU B 73 15.24 0.96 -7.91
C GLU B 73 16.13 -0.13 -7.35
N PHE B 74 16.80 -0.86 -8.23
CA PHE B 74 17.81 -1.80 -7.77
C PHE B 74 18.93 -1.04 -7.08
N LYS B 75 19.36 -1.57 -5.95
CA LYS B 75 20.26 -0.88 -5.07
C LYS B 75 21.53 -1.71 -4.88
N SER B 76 22.67 -1.05 -4.84
CA SER B 76 23.94 -1.69 -4.68
C SER B 76 24.12 -2.39 -3.32
N GLU B 77 24.53 -3.66 -3.33
CA GLU B 77 24.99 -4.30 -2.09
C GLU B 77 26.41 -4.86 -2.18
N LEU B 78 26.56 -6.12 -2.58
CA LEU B 78 27.90 -6.69 -2.74
C LEU B 78 28.39 -6.30 -4.14
N ALA B 79 27.46 -6.07 -5.06
CA ALA B 79 27.79 -5.55 -6.39
C ALA B 79 27.63 -4.03 -6.39
N THR B 80 28.64 -3.30 -6.86
CA THR B 80 28.58 -1.83 -6.88
C THR B 80 28.07 -1.32 -8.21
N ASP B 81 27.82 -2.22 -9.14
CA ASP B 81 27.35 -1.83 -10.45
C ASP B 81 26.96 -3.10 -11.22
N TRP B 82 26.14 -2.94 -12.24
CA TRP B 82 25.72 -4.06 -13.05
C TRP B 82 25.23 -3.55 -14.39
N LYS B 83 25.51 -4.32 -15.43
CA LYS B 83 25.15 -3.98 -16.79
C LYS B 83 24.52 -5.16 -17.52
N ILE B 84 23.38 -4.92 -18.15
CA ILE B 84 22.71 -5.91 -18.95
C ILE B 84 23.00 -5.63 -20.41
N SER B 85 23.53 -6.63 -21.12
CA SER B 85 23.84 -6.49 -22.54
C SER B 85 22.60 -6.06 -23.33
N LYS B 86 22.81 -5.57 -24.55
CA LYS B 86 21.68 -5.10 -25.37
C LYS B 86 20.68 -6.22 -25.64
N ASP B 87 21.16 -7.44 -25.84
CA ASP B 87 20.23 -8.55 -26.10
C ASP B 87 19.62 -9.19 -24.83
N GLY B 88 20.12 -8.76 -23.67
CA GLY B 88 19.59 -9.21 -22.39
C GLY B 88 20.16 -10.53 -21.88
N LYS B 89 21.14 -11.10 -22.58
CA LYS B 89 21.66 -12.42 -22.27
C LYS B 89 23.00 -12.42 -21.53
N SER B 90 23.55 -11.23 -21.27
CA SER B 90 24.76 -11.12 -20.44
C SER B 90 24.51 -10.07 -19.37
N VAL B 91 24.95 -10.33 -18.15
CA VAL B 91 24.79 -9.37 -17.08
C VAL B 91 26.07 -9.39 -16.28
N THR B 92 26.71 -8.25 -16.21
CA THR B 92 28.00 -8.19 -15.54
C THR B 92 27.87 -7.42 -14.24
N PHE B 93 28.32 -8.04 -13.17
CA PHE B 93 28.33 -7.42 -11.88
C PHE B 93 29.75 -7.08 -11.54
N THR B 94 29.95 -5.86 -11.08
CA THR B 94 31.23 -5.44 -10.56
C THR B 94 31.11 -5.55 -9.05
N LEU B 95 32.12 -6.13 -8.41
CA LEU B 95 31.99 -6.49 -7.00
C LEU B 95 32.73 -5.55 -6.07
N ARG B 96 32.17 -5.36 -4.88
CA ARG B 96 32.72 -4.44 -3.90
C ARG B 96 34.04 -4.95 -3.34
N LYS B 97 34.95 -4.02 -3.14
CA LYS B 97 36.28 -4.33 -2.63
C LYS B 97 36.23 -4.20 -1.12
N GLY B 98 37.11 -4.90 -0.43
CA GLY B 98 37.27 -4.72 1.00
C GLY B 98 36.25 -5.42 1.90
N VAL B 99 35.49 -6.35 1.35
CA VAL B 99 34.45 -7.04 2.13
C VAL B 99 34.98 -8.34 2.75
N LYS B 100 34.88 -8.41 4.08
CA LYS B 100 35.33 -9.57 4.85
C LYS B 100 34.21 -10.55 5.19
N PHE B 101 34.46 -11.83 4.99
CA PHE B 101 33.61 -12.87 5.55
C PHE B 101 33.81 -12.97 7.05
N HIS B 102 32.86 -13.58 7.75
CA HIS B 102 32.89 -13.66 9.20
C HIS B 102 34.09 -14.43 9.72
N THR B 103 34.61 -13.99 10.86
CA THR B 103 35.47 -14.83 11.67
C THR B 103 34.59 -15.48 12.73
N THR B 104 34.42 -16.80 12.65
CA THR B 104 33.62 -17.51 13.65
C THR B 104 34.51 -18.37 14.54
N ALA B 105 33.87 -19.13 15.42
CA ALA B 105 34.59 -20.11 16.22
C ALA B 105 35.10 -21.27 15.35
N TYR B 106 34.53 -21.42 14.15
CA TYR B 106 34.85 -22.57 13.30
C TYR B 106 35.49 -22.22 11.94
N PHE B 107 35.79 -20.93 11.74
CA PHE B 107 36.37 -20.49 10.48
C PHE B 107 36.98 -19.10 10.59
N THR B 108 38.19 -18.96 10.04
CA THR B 108 38.83 -17.66 9.95
C THR B 108 39.25 -17.50 8.51
N PRO B 109 38.75 -16.45 7.84
CA PRO B 109 39.08 -16.25 6.42
C PRO B 109 40.55 -15.89 6.19
N THR B 110 41.07 -16.24 5.02
CA THR B 110 42.43 -15.86 4.63
C THR B 110 42.42 -14.81 3.51
N ARG B 111 41.24 -14.53 2.98
N ARG B 111 41.24 -14.55 2.96
CA ARG B 111 41.08 -13.51 1.95
CA ARG B 111 41.08 -13.53 1.91
C ARG B 111 39.71 -12.86 2.03
C ARG B 111 39.70 -12.88 2.00
N GLU B 112 39.55 -11.76 1.29
CA GLU B 112 38.28 -11.05 1.23
C GLU B 112 37.37 -11.57 0.12
N PHE B 113 36.09 -11.18 0.19
CA PHE B 113 35.09 -11.54 -0.81
C PHE B 113 35.53 -11.19 -2.23
N ASN B 114 35.33 -12.12 -3.17
CA ASN B 114 35.70 -11.88 -4.56
C ASN B 114 34.83 -12.67 -5.54
N ALA B 115 35.22 -12.68 -6.81
CA ALA B 115 34.39 -13.31 -7.85
C ALA B 115 34.24 -14.82 -7.67
N ASP B 116 35.21 -15.46 -7.03
CA ASP B 116 35.13 -16.90 -6.80
C ASP B 116 33.98 -17.23 -5.86
N ASP B 117 33.74 -16.38 -4.89
CA ASP B 117 32.61 -16.56 -4.00
C ASP B 117 31.30 -16.49 -4.77
N VAL B 118 31.22 -15.56 -5.72
CA VAL B 118 29.98 -15.38 -6.48
C VAL B 118 29.76 -16.56 -7.44
N ILE B 119 30.82 -17.01 -8.09
CA ILE B 119 30.69 -18.11 -9.03
C ILE B 119 30.35 -19.39 -8.27
N PHE B 120 31.05 -19.63 -7.15
CA PHE B 120 30.74 -20.78 -6.32
C PHE B 120 29.28 -20.77 -5.90
N THR B 121 28.84 -19.63 -5.37
CA THR B 121 27.53 -19.51 -4.75
C THR B 121 26.38 -19.84 -5.68
N PHE B 122 26.41 -19.26 -6.87
CA PHE B 122 25.34 -19.45 -7.85
C PHE B 122 25.44 -20.69 -8.74
N SER B 123 26.65 -21.14 -9.08
CA SER B 123 26.81 -22.38 -9.83
C SER B 123 26.40 -23.60 -8.99
N ARG B 124 26.49 -23.49 -7.68
CA ARG B 124 25.99 -24.53 -6.78
C ARG B 124 24.54 -24.88 -7.12
N LEU B 125 23.78 -23.90 -7.59
CA LEU B 125 22.36 -24.07 -7.85
C LEU B 125 22.05 -24.88 -9.11
N PHE B 126 22.97 -24.93 -10.07
CA PHE B 126 22.64 -25.51 -11.37
C PHE B 126 23.75 -26.36 -12.03
N ASP B 127 24.95 -26.34 -11.46
CA ASP B 127 26.09 -27.01 -12.08
C ASP B 127 26.43 -28.29 -11.31
N VAL B 128 26.23 -29.44 -11.95
CA VAL B 128 26.46 -30.73 -11.29
C VAL B 128 27.93 -30.94 -10.95
N TYR B 129 28.80 -30.12 -11.53
CA TYR B 129 30.25 -30.23 -11.24
C TYR B 129 30.67 -29.40 -10.04
N ASN B 130 29.80 -28.50 -9.60
CA ASN B 130 30.03 -27.78 -8.35
C ASN B 130 30.02 -28.82 -7.22
N PRO B 131 31.07 -28.83 -6.40
CA PRO B 131 31.24 -29.84 -5.35
C PRO B 131 30.20 -29.72 -4.22
N TYR B 132 29.43 -28.65 -4.21
CA TYR B 132 28.36 -28.53 -3.24
C TYR B 132 26.98 -28.69 -3.83
N HIS B 133 26.89 -28.89 -5.14
CA HIS B 133 25.59 -29.02 -5.78
C HIS B 133 24.73 -30.08 -5.09
N PHE B 134 25.33 -31.21 -4.71
CA PHE B 134 24.59 -32.32 -4.11
C PHE B 134 24.73 -32.40 -2.59
N VAL B 135 25.33 -31.37 -1.99
CA VAL B 135 25.47 -31.34 -0.54
C VAL B 135 24.15 -31.01 0.18
N GLY B 136 24.09 -31.35 1.46
CA GLY B 136 22.91 -31.07 2.28
C GLY B 136 21.71 -31.83 1.78
N ASP B 137 20.58 -31.14 1.61
CA ASP B 137 19.41 -31.80 1.02
C ASP B 137 19.37 -31.70 -0.51
N ALA B 138 20.36 -31.03 -1.10
CA ALA B 138 20.55 -31.02 -2.55
C ALA B 138 19.36 -30.38 -3.29
N ASN B 139 18.64 -29.51 -2.60
CA ASN B 139 17.42 -28.92 -3.12
C ASN B 139 17.40 -27.40 -2.99
N TYR B 140 16.89 -26.72 -4.01
CA TYR B 140 16.98 -25.26 -4.06
C TYR B 140 15.64 -24.76 -4.56
N PRO B 141 14.62 -24.83 -3.70
CA PRO B 141 13.23 -24.74 -4.14
C PRO B 141 12.89 -23.47 -4.89
N TYR B 142 13.30 -22.29 -4.42
CA TYR B 142 12.95 -21.10 -5.17
C TYR B 142 13.58 -21.12 -6.55
N PHE B 143 14.90 -21.30 -6.61
CA PHE B 143 15.63 -21.23 -7.86
C PHE B 143 15.25 -22.33 -8.83
N GLN B 144 14.90 -23.50 -8.33
CA GLN B 144 14.43 -24.56 -9.20
C GLN B 144 13.01 -24.35 -9.70
N SER B 145 12.16 -23.75 -8.85
CA SER B 145 10.79 -23.40 -9.25
C SER B 145 10.75 -22.33 -10.34
N VAL B 146 11.75 -21.47 -10.38
CA VAL B 146 11.85 -20.48 -11.45
C VAL B 146 12.81 -20.92 -12.56
N GLY B 147 13.21 -22.19 -12.52
CA GLY B 147 13.97 -22.76 -13.62
C GLY B 147 15.37 -22.21 -13.81
N ILE B 148 16.14 -22.10 -12.73
CA ILE B 148 17.49 -21.57 -12.83
C ILE B 148 18.32 -22.37 -13.84
N ASP B 149 18.14 -23.68 -13.84
CA ASP B 149 18.92 -24.58 -14.70
C ASP B 149 18.78 -24.28 -16.20
N GLN B 150 17.63 -23.75 -16.61
CA GLN B 150 17.42 -23.40 -18.02
C GLN B 150 17.67 -21.92 -18.28
N LEU B 151 18.18 -21.23 -17.27
CA LEU B 151 18.40 -19.79 -17.39
C LEU B 151 19.89 -19.45 -17.49
N ILE B 152 20.68 -19.88 -16.52
CA ILE B 152 22.09 -19.54 -16.48
C ILE B 152 22.93 -20.58 -17.22
N ARG B 153 23.51 -20.18 -18.35
CA ARG B 153 24.40 -21.05 -19.12
C ARG B 153 25.71 -21.23 -18.37
N LYS B 154 26.34 -20.11 -18.02
CA LYS B 154 27.55 -20.14 -17.21
C LYS B 154 27.81 -18.80 -16.56
N ILE B 155 28.74 -18.78 -15.62
CA ILE B 155 29.15 -17.54 -14.99
C ILE B 155 30.63 -17.36 -15.18
N VAL B 156 31.02 -16.35 -15.95
CA VAL B 156 32.42 -16.13 -16.29
C VAL B 156 33.16 -15.28 -15.28
N ARG B 157 34.39 -15.65 -14.97
CA ARG B 157 35.21 -14.85 -14.08
C ARG B 157 36.01 -13.88 -14.93
N VAL B 158 35.52 -12.65 -15.10
CA VAL B 158 36.26 -11.74 -15.95
C VAL B 158 37.42 -11.11 -15.19
N SER B 159 37.31 -11.06 -13.86
CA SER B 159 38.45 -10.70 -13.03
C SER B 159 38.12 -11.01 -11.59
N ASP B 160 39.03 -10.63 -10.69
CA ASP B 160 38.80 -10.79 -9.27
C ASP B 160 37.53 -10.13 -8.79
N HIS B 161 37.13 -9.03 -9.42
CA HIS B 161 36.04 -8.23 -8.88
C HIS B 161 34.94 -7.99 -9.87
N GLN B 162 34.78 -8.93 -10.80
CA GLN B 162 33.80 -8.77 -11.86
C GLN B 162 33.45 -10.14 -12.40
N VAL B 163 32.15 -10.42 -12.48
CA VAL B 163 31.69 -11.66 -13.08
C VAL B 163 30.61 -11.33 -14.09
N ARG B 164 30.41 -12.25 -15.03
CA ARG B 164 29.40 -12.06 -16.05
C ARG B 164 28.53 -13.29 -16.14
N PHE B 165 27.26 -13.16 -15.77
CA PHE B 165 26.30 -14.25 -15.99
C PHE B 165 25.91 -14.30 -17.45
N GLU B 166 26.04 -15.47 -18.06
CA GLU B 166 25.61 -15.70 -19.42
C GLU B 166 24.32 -16.51 -19.36
N LEU B 167 23.29 -16.04 -20.04
CA LEU B 167 21.97 -16.66 -19.95
C LEU B 167 21.58 -17.28 -21.27
N PHE B 168 20.82 -18.37 -21.21
CA PHE B 168 20.31 -19.02 -22.40
C PHE B 168 19.32 -18.10 -23.12
N ASN B 169 18.54 -17.35 -22.34
CA ASN B 169 17.58 -16.38 -22.87
C ASN B 169 17.46 -15.19 -21.96
N ALA B 170 17.01 -14.07 -22.52
CA ALA B 170 16.74 -12.90 -21.70
C ALA B 170 15.55 -13.25 -20.81
N GLU B 171 15.55 -12.76 -19.58
CA GLU B 171 14.40 -12.88 -18.69
C GLU B 171 14.25 -11.59 -17.93
N SER B 172 13.14 -10.92 -18.14
CA SER B 172 12.93 -9.60 -17.55
C SER B 172 12.86 -9.63 -16.04
N SER B 173 12.85 -10.82 -15.45
CA SER B 173 12.83 -10.96 -14.00
C SER B 173 14.19 -11.35 -13.41
N PHE B 174 15.24 -11.42 -14.23
CA PHE B 174 16.52 -11.91 -13.74
C PHE B 174 17.06 -11.11 -12.55
N LEU B 175 17.13 -9.79 -12.67
CA LEU B 175 17.63 -8.97 -11.55
C LEU B 175 16.75 -9.05 -10.29
N ALA B 176 15.43 -9.14 -10.47
CA ALA B 176 14.53 -9.26 -9.33
C ALA B 176 14.85 -10.54 -8.55
N ASN B 177 15.10 -11.63 -9.27
CA ASN B 177 15.52 -12.88 -8.65
C ASN B 177 16.85 -12.76 -7.90
N MET B 178 17.84 -12.09 -8.50
CA MET B 178 19.10 -11.83 -7.81
C MET B 178 18.93 -10.89 -6.62
N ALA B 179 17.75 -10.27 -6.50
CA ALA B 179 17.49 -9.39 -5.37
C ALA B 179 16.68 -10.08 -4.28
N THR B 180 16.33 -11.35 -4.48
CA THR B 180 15.55 -12.03 -3.47
C THR B 180 16.43 -12.39 -2.28
N ASP B 181 15.78 -12.65 -1.15
CA ASP B 181 16.46 -13.09 0.06
C ASP B 181 17.18 -14.43 -0.12
N PHE B 182 16.87 -15.14 -1.20
CA PHE B 182 17.46 -16.45 -1.46
C PHE B 182 18.83 -16.35 -2.12
N ALA B 183 19.10 -15.21 -2.76
CA ALA B 183 20.32 -15.01 -3.54
C ALA B 183 21.45 -14.39 -2.73
N VAL B 184 21.66 -14.89 -1.52
CA VAL B 184 22.77 -14.42 -0.70
C VAL B 184 24.08 -14.95 -1.26
N VAL B 185 25.19 -14.30 -0.90
CA VAL B 185 26.52 -14.75 -1.30
C VAL B 185 27.18 -15.56 -0.19
N LEU B 186 27.71 -16.73 -0.54
CA LEU B 186 28.35 -17.64 0.41
C LEU B 186 29.88 -17.64 0.23
N SER B 187 30.57 -18.28 1.16
CA SER B 187 32.03 -18.25 1.21
C SER B 187 32.67 -19.49 0.56
N LYS B 188 33.35 -19.28 -0.57
CA LYS B 188 34.02 -20.38 -1.24
C LYS B 188 35.17 -20.93 -0.41
N GLU B 189 35.91 -20.03 0.26
CA GLU B 189 37.04 -20.48 1.09
C GLU B 189 36.58 -21.46 2.18
N TYR B 190 35.53 -21.11 2.89
CA TYR B 190 34.97 -21.95 3.94
C TYR B 190 34.46 -23.27 3.37
N ALA B 191 33.77 -23.21 2.24
CA ALA B 191 33.27 -24.42 1.57
C ALA B 191 34.42 -25.37 1.23
N MET B 192 35.48 -24.82 0.63
CA MET B 192 36.64 -25.64 0.26
C MET B 192 37.38 -26.18 1.47
N ALA B 193 37.50 -25.39 2.54
CA ALA B 193 38.19 -25.85 3.74
C ALA B 193 37.45 -27.03 4.36
N LEU B 194 36.13 -26.96 4.37
CA LEU B 194 35.28 -28.06 4.82
C LEU B 194 35.44 -29.28 3.91
N LYS B 195 35.48 -29.05 2.60
CA LYS B 195 35.63 -30.13 1.63
C LYS B 195 36.92 -30.92 1.90
N ALA B 196 37.98 -30.21 2.25
CA ALA B 196 39.29 -30.82 2.50
C ALA B 196 39.25 -31.71 3.74
N ASN B 197 38.23 -31.54 4.57
CA ASN B 197 38.08 -32.36 5.76
C ASN B 197 36.86 -33.26 5.69
N ASN B 198 36.27 -33.34 4.51
CA ASN B 198 35.07 -34.17 4.31
C ASN B 198 33.95 -33.78 5.25
N GLN B 199 33.83 -32.49 5.51
CA GLN B 199 32.84 -32.00 6.45
C GLN B 199 31.83 -31.08 5.78
N GLU B 200 31.51 -31.37 4.53
CA GLU B 200 30.60 -30.51 3.76
C GLU B 200 29.24 -30.34 4.41
N ASN B 201 28.82 -31.32 5.20
CA ASN B 201 27.52 -31.30 5.87
C ASN B 201 27.40 -30.19 6.90
N LEU B 202 28.52 -29.55 7.22
CA LEU B 202 28.53 -28.45 8.19
C LEU B 202 28.29 -27.08 7.54
N PHE B 203 28.55 -26.98 6.23
CA PHE B 203 28.51 -25.72 5.50
C PHE B 203 27.20 -24.96 5.71
N ASP B 204 26.09 -25.61 5.39
CA ASP B 204 24.78 -25.01 5.60
C ASP B 204 24.34 -25.01 7.06
N GLN B 205 25.10 -25.68 7.92
CA GLN B 205 24.69 -25.89 9.31
C GLN B 205 25.32 -24.82 10.21
N TYR B 206 26.60 -24.59 10.00
CA TYR B 206 27.32 -23.55 10.71
C TYR B 206 27.81 -22.52 9.69
N PRO B 207 27.03 -21.45 9.51
CA PRO B 207 27.23 -20.64 8.31
C PRO B 207 28.35 -19.60 8.43
N VAL B 208 28.86 -19.20 7.28
CA VAL B 208 29.76 -18.08 7.18
C VAL B 208 29.19 -17.16 6.11
N GLY B 209 29.06 -15.88 6.42
CA GLY B 209 28.59 -14.90 5.46
C GLY B 209 29.24 -13.54 5.62
N THR B 210 28.70 -12.54 4.93
CA THR B 210 29.28 -11.22 5.02
C THR B 210 28.41 -10.24 5.81
N GLY B 211 27.31 -10.73 6.38
CA GLY B 211 26.29 -9.88 6.96
C GLY B 211 26.59 -9.28 8.33
N PRO B 212 25.67 -8.44 8.83
CA PRO B 212 25.89 -7.65 10.04
C PRO B 212 25.98 -8.48 11.32
N TYR B 213 25.49 -9.71 11.30
CA TYR B 213 25.59 -10.56 12.48
C TYR B 213 26.24 -11.88 12.17
N ILE B 214 26.77 -12.52 13.22
CA ILE B 214 27.54 -13.73 13.11
C ILE B 214 26.89 -14.86 13.89
N TYR B 215 26.94 -16.08 13.36
CA TYR B 215 26.40 -17.25 14.07
C TYR B 215 27.22 -17.61 15.30
N LYS B 216 26.50 -17.82 16.40
CA LYS B 216 27.08 -18.13 17.70
C LYS B 216 26.64 -19.51 18.16
N GLU B 217 25.33 -19.76 18.14
CA GLU B 217 24.77 -20.99 18.68
C GLU B 217 23.35 -21.28 18.19
N TYR B 218 23.03 -22.56 17.96
CA TYR B 218 21.65 -22.94 17.66
C TYR B 218 21.21 -24.18 18.44
N ARG B 219 20.09 -24.04 19.14
CA ARG B 219 19.50 -25.14 19.88
C ARG B 219 18.08 -25.39 19.37
N ARG B 220 17.90 -26.46 18.60
N ARG B 220 17.90 -26.45 18.60
CA ARG B 220 16.61 -26.78 18.02
CA ARG B 220 16.61 -26.79 18.01
C ARG B 220 15.49 -26.68 19.06
C ARG B 220 15.48 -26.73 19.03
N ASP B 221 14.40 -26.02 18.68
CA ASP B 221 13.24 -25.84 19.56
C ASP B 221 13.45 -24.85 20.69
N HIS B 222 14.66 -24.32 20.84
N HIS B 222 14.64 -24.28 20.80
CA HIS B 222 14.94 -23.40 21.96
CA HIS B 222 14.92 -23.41 21.93
C HIS B 222 15.31 -22.00 21.48
C HIS B 222 15.34 -21.99 21.54
N LEU B 223 16.50 -21.85 20.91
CA LEU B 223 16.95 -20.53 20.48
C LEU B 223 18.05 -20.54 19.43
N VAL B 224 18.17 -19.44 18.70
CA VAL B 224 19.37 -19.21 17.92
C VAL B 224 19.98 -17.92 18.44
N ARG B 225 21.31 -17.87 18.43
CA ARG B 225 22.04 -16.75 19.01
C ARG B 225 23.04 -16.24 18.00
N PHE B 226 22.95 -14.95 17.68
CA PHE B 226 23.91 -14.31 16.78
C PHE B 226 24.63 -13.24 17.57
N TYR B 227 25.83 -12.91 17.14
N TYR B 227 25.83 -12.88 17.15
CA TYR B 227 26.59 -11.80 17.71
CA TYR B 227 26.49 -11.73 17.72
C TYR B 227 26.81 -10.74 16.62
C TYR B 227 26.94 -10.77 16.65
N LYS B 228 27.08 -9.51 17.04
CA LYS B 228 27.48 -8.44 16.13
C LYS B 228 28.73 -8.80 15.32
N ASN B 229 28.72 -8.47 14.03
CA ASN B 229 29.93 -8.60 13.21
C ASN B 229 30.70 -7.30 13.27
N ALA B 230 31.80 -7.31 14.02
CA ALA B 230 32.57 -6.09 14.27
C ALA B 230 33.23 -5.54 13.00
N ASP B 231 33.33 -6.38 11.97
CA ASP B 231 33.96 -5.97 10.71
C ASP B 231 32.95 -5.70 9.59
N TYR B 232 31.67 -5.55 9.92
CA TYR B 232 30.67 -5.42 8.87
C TYR B 232 31.02 -4.28 7.93
N TRP B 233 30.96 -4.53 6.64
CA TRP B 233 31.37 -3.55 5.64
C TRP B 233 30.46 -2.34 5.51
N LYS B 234 29.17 -2.50 5.76
CA LYS B 234 28.22 -1.45 5.37
C LYS B 234 28.07 -0.34 6.40
N HIS B 235 28.16 -0.69 7.67
CA HIS B 235 28.06 0.28 8.76
C HIS B 235 28.36 -0.42 10.09
N GLU B 236 28.51 0.37 11.15
CA GLU B 236 28.72 -0.18 12.47
C GLU B 236 27.42 -0.85 12.89
N VAL B 237 27.50 -2.07 13.41
CA VAL B 237 26.29 -2.76 13.85
C VAL B 237 25.98 -2.36 15.29
N ALA B 238 24.76 -1.90 15.52
CA ALA B 238 24.37 -1.34 16.81
C ALA B 238 24.28 -2.40 17.92
N LEU B 239 23.48 -3.45 17.68
CA LEU B 239 23.29 -4.52 18.66
C LEU B 239 24.50 -5.43 18.82
N GLU B 240 24.80 -5.77 20.06
CA GLU B 240 25.87 -6.70 20.39
C GLU B 240 25.40 -8.13 20.22
N GLN B 241 24.15 -8.37 20.65
CA GLN B 241 23.56 -9.70 20.69
C GLN B 241 22.16 -9.75 20.09
N LEU B 242 21.89 -10.82 19.37
CA LEU B 242 20.59 -11.00 18.77
C LEU B 242 20.14 -12.41 19.12
N VAL B 243 18.97 -12.54 19.75
CA VAL B 243 18.49 -13.86 20.14
C VAL B 243 17.10 -14.14 19.61
N TYR B 244 16.96 -15.27 18.92
CA TYR B 244 15.67 -15.71 18.42
C TYR B 244 15.17 -16.79 19.35
N ASP B 245 14.07 -16.50 20.05
CA ASP B 245 13.46 -17.43 20.98
C ASP B 245 12.42 -18.24 20.21
N ILE B 246 12.68 -19.53 20.02
CA ILE B 246 11.78 -20.35 19.24
C ILE B 246 10.50 -20.67 20.02
N THR B 247 9.40 -20.01 19.63
CA THR B 247 8.13 -20.13 20.33
C THR B 247 6.99 -20.29 19.34
N PRO B 248 6.68 -21.53 18.93
CA PRO B 248 5.61 -21.77 17.95
C PRO B 248 4.21 -21.30 18.39
N ASN B 249 3.90 -21.36 19.69
CA ASN B 249 2.58 -20.97 20.21
C ASN B 249 2.30 -19.46 20.17
N GLY B 250 1.36 -19.02 19.34
CA GLY B 250 1.06 -17.61 19.21
C GLY B 250 0.68 -16.87 20.49
N THR B 251 -0.15 -17.48 21.34
CA THR B 251 -0.50 -16.82 22.59
C THR B 251 0.71 -16.73 23.53
N THR B 252 1.57 -17.74 23.52
CA THR B 252 2.81 -17.64 24.31
C THR B 252 3.71 -16.49 23.83
N ARG B 253 3.76 -16.26 22.52
CA ARG B 253 4.51 -15.11 22.00
C ARG B 253 3.93 -13.79 22.51
N ILE B 254 2.62 -13.68 22.51
CA ILE B 254 2.00 -12.46 22.99
C ILE B 254 2.28 -12.30 24.47
N ALA B 255 2.22 -13.40 25.21
CA ALA B 255 2.48 -13.36 26.64
C ALA B 255 3.91 -12.93 26.90
N LYS B 256 4.84 -13.45 26.10
CA LYS B 256 6.22 -13.04 26.25
C LYS B 256 6.43 -11.56 25.96
N ILE B 257 5.76 -11.03 24.95
CA ILE B 257 5.96 -9.61 24.65
C ILE B 257 5.41 -8.74 25.80
N LEU B 258 4.29 -9.16 26.38
CA LEU B 258 3.66 -8.38 27.46
C LEU B 258 4.48 -8.37 28.74
N THR B 259 5.28 -9.41 28.94
CA THR B 259 6.09 -9.55 30.14
C THR B 259 7.52 -9.10 29.89
N LYS B 260 7.77 -8.70 28.65
CA LYS B 260 9.09 -8.21 28.24
C LYS B 260 10.19 -9.27 28.19
N GLU B 261 9.79 -10.54 28.12
CA GLU B 261 10.74 -11.60 27.81
C GLU B 261 11.16 -11.51 26.33
N CYS B 262 10.31 -10.89 25.51
CA CYS B 262 10.62 -10.70 24.09
C CYS B 262 10.55 -9.23 23.78
N ASP B 263 11.50 -8.73 22.98
CA ASP B 263 11.44 -7.35 22.55
C ASP B 263 10.65 -7.20 21.25
N VAL B 264 10.55 -8.29 20.48
CA VAL B 264 9.86 -8.25 19.20
C VAL B 264 9.12 -9.55 19.00
N THR B 265 7.86 -9.48 18.57
CA THR B 265 7.09 -10.69 18.30
C THR B 265 6.64 -10.76 16.86
N ALA B 266 6.83 -11.94 16.28
CA ALA B 266 6.45 -12.19 14.90
C ALA B 266 5.00 -12.63 14.81
N HIS B 267 4.31 -12.11 13.80
CA HIS B 267 2.96 -12.56 13.44
C HIS B 267 1.99 -12.72 14.61
N PRO B 268 1.63 -11.59 15.26
CA PRO B 268 0.60 -11.68 16.31
C PRO B 268 -0.75 -11.91 15.67
N SER B 269 -1.52 -12.86 16.20
CA SER B 269 -2.85 -13.12 15.65
C SER B 269 -3.65 -11.82 15.65
N SER B 270 -4.64 -11.72 14.77
N SER B 270 -4.64 -11.72 14.77
CA SER B 270 -5.43 -10.50 14.65
CA SER B 270 -5.44 -10.51 14.64
C SER B 270 -6.17 -10.19 15.95
C SER B 270 -6.15 -10.19 15.95
N ALA B 271 -6.62 -11.24 16.63
CA ALA B 271 -7.30 -11.10 17.91
C ALA B 271 -6.43 -10.36 18.95
N GLN B 272 -5.15 -10.65 18.93
CA GLN B 272 -4.21 -10.10 19.91
C GLN B 272 -3.78 -8.69 19.52
N LEU B 273 -4.02 -8.32 18.26
CA LEU B 273 -3.59 -7.04 17.75
C LEU B 273 -4.15 -5.85 18.51
N SER B 274 -5.45 -5.90 18.79
CA SER B 274 -6.13 -4.76 19.42
C SER B 274 -5.67 -4.56 20.86
N ILE B 275 -5.35 -5.66 21.54
CA ILE B 275 -4.79 -5.61 22.88
C ILE B 275 -3.40 -4.97 22.89
N LEU B 276 -2.56 -5.38 21.94
CA LEU B 276 -1.21 -4.82 21.87
C LEU B 276 -1.25 -3.32 21.56
N ALA B 277 -2.17 -2.90 20.70
CA ALA B 277 -2.23 -1.50 20.28
C ALA B 277 -2.47 -0.55 21.46
N GLN B 278 -3.18 -1.05 22.47
CA GLN B 278 -3.58 -0.23 23.60
C GLN B 278 -2.45 -0.07 24.62
N ARG B 279 -1.53 -1.02 24.66
CA ARG B 279 -0.35 -0.91 25.51
C ARG B 279 0.53 0.23 25.02
N ASP B 280 0.89 1.14 25.92
CA ASP B 280 1.64 2.33 25.53
C ASP B 280 3.10 2.02 25.28
N ASP B 281 3.61 0.98 25.92
CA ASP B 281 5.00 0.62 25.80
C ASP B 281 5.22 -0.38 24.67
N ILE B 282 4.20 -0.59 23.84
CA ILE B 282 4.25 -1.53 22.73
C ILE B 282 3.94 -0.84 21.39
N ASN B 283 4.84 -0.94 20.43
CA ASN B 283 4.55 -0.43 19.10
C ASN B 283 3.99 -1.52 18.19
N VAL B 284 2.87 -1.22 17.54
CA VAL B 284 2.37 -2.12 16.50
C VAL B 284 2.57 -1.46 15.15
N GLU B 285 3.54 -1.96 14.40
N GLU B 285 3.54 -1.96 14.39
CA GLU B 285 3.82 -1.47 13.07
CA GLU B 285 3.84 -1.44 13.06
C GLU B 285 2.91 -2.18 12.09
C GLU B 285 3.10 -2.23 12.00
N ARG B 286 2.65 -1.53 10.96
CA ARG B 286 1.86 -2.15 9.90
C ARG B 286 2.34 -1.66 8.53
N GLU B 287 2.32 -2.55 7.54
CA GLU B 287 2.73 -2.18 6.20
C GLU B 287 1.86 -2.92 5.23
N THR B 288 1.36 -2.20 4.23
CA THR B 288 0.67 -2.86 3.15
C THR B 288 1.73 -3.77 2.51
N ASN B 289 1.31 -4.94 2.03
CA ASN B 289 2.28 -5.96 1.69
C ASN B 289 1.77 -6.80 0.53
N LEU B 290 2.69 -7.25 -0.33
CA LEU B 290 2.34 -8.08 -1.48
C LEU B 290 2.27 -9.56 -1.08
N ASN B 291 1.08 -10.05 -0.79
CA ASN B 291 0.91 -11.46 -0.45
C ASN B 291 -0.46 -11.95 -0.89
N ILE B 292 -0.66 -13.26 -0.80
CA ILE B 292 -1.95 -13.85 -1.11
C ILE B 292 -2.16 -15.08 -0.23
N GLY B 293 -3.35 -15.20 0.36
CA GLY B 293 -3.76 -16.42 1.05
C GLY B 293 -4.82 -17.13 0.22
N TYR B 294 -4.71 -18.44 0.12
CA TYR B 294 -5.56 -19.15 -0.82
C TYR B 294 -5.90 -20.55 -0.34
N TRP B 295 -6.87 -21.18 -1.00
CA TRP B 295 -7.24 -22.54 -0.70
C TRP B 295 -6.92 -23.31 -1.96
N ALA B 296 -5.90 -24.14 -1.91
CA ALA B 296 -5.44 -24.86 -3.10
C ALA B 296 -5.93 -26.30 -3.06
N PHE B 297 -6.35 -26.79 -4.21
CA PHE B 297 -6.79 -28.17 -4.35
C PHE B 297 -5.68 -29.01 -4.97
N ASN B 298 -5.47 -30.22 -4.47
CA ASN B 298 -4.55 -31.14 -5.15
C ASN B 298 -5.23 -31.57 -6.45
N THR B 299 -4.90 -30.91 -7.54
CA THR B 299 -5.60 -31.11 -8.79
C THR B 299 -5.23 -32.44 -9.48
N GLU B 300 -4.36 -33.23 -8.85
CA GLU B 300 -4.01 -34.54 -9.40
C GLU B 300 -4.66 -35.66 -8.62
N ARG B 301 -5.57 -35.31 -7.72
CA ARG B 301 -6.19 -36.32 -6.87
C ARG B 301 -7.71 -36.25 -6.89
N PRO B 302 -8.36 -37.32 -7.38
CA PRO B 302 -9.83 -37.36 -7.48
C PRO B 302 -10.49 -37.18 -6.13
N PRO B 303 -11.64 -36.48 -6.06
CA PRO B 303 -12.38 -35.86 -7.16
C PRO B 303 -11.95 -34.41 -7.44
N PHE B 304 -10.90 -33.93 -6.79
CA PHE B 304 -10.47 -32.55 -6.96
C PHE B 304 -9.75 -32.30 -8.28
N ASP B 305 -9.57 -33.35 -9.07
CA ASP B 305 -9.05 -33.22 -10.42
C ASP B 305 -10.15 -32.78 -11.37
N ASN B 306 -11.38 -32.73 -10.86
CA ASN B 306 -12.54 -32.38 -11.65
C ASN B 306 -12.95 -30.94 -11.38
N LEU B 307 -12.81 -30.10 -12.41
CA LEU B 307 -13.12 -28.67 -12.31
C LEU B 307 -14.50 -28.43 -11.72
N LYS B 308 -15.51 -29.17 -12.20
CA LYS B 308 -16.87 -29.01 -11.71
C LYS B 308 -16.91 -29.17 -10.20
N VAL B 309 -16.09 -30.05 -9.67
CA VAL B 309 -16.04 -30.25 -8.22
C VAL B 309 -15.35 -29.08 -7.54
N ARG B 310 -14.24 -28.63 -8.09
CA ARG B 310 -13.56 -27.47 -7.52
C ARG B 310 -14.49 -26.26 -7.59
N GLN B 311 -15.12 -26.03 -8.73
CA GLN B 311 -16.08 -24.95 -8.86
C GLN B 311 -17.19 -25.06 -7.82
N ALA B 312 -17.72 -26.25 -7.61
CA ALA B 312 -18.80 -26.37 -6.63
C ALA B 312 -18.30 -26.09 -5.22
N LEU B 313 -17.09 -26.53 -4.89
CA LEU B 313 -16.62 -26.45 -3.51
C LEU B 313 -16.38 -25.01 -3.12
N VAL B 314 -15.85 -24.23 -4.06
CA VAL B 314 -15.62 -22.81 -3.83
C VAL B 314 -16.92 -22.04 -3.52
N HIS B 315 -18.02 -22.34 -4.23
CA HIS B 315 -19.29 -21.64 -3.99
C HIS B 315 -19.88 -21.93 -2.60
N ALA B 316 -19.37 -22.96 -1.92
CA ALA B 316 -19.89 -23.30 -0.60
C ALA B 316 -19.32 -22.43 0.55
N ILE B 317 -18.20 -21.77 0.30
CA ILE B 317 -17.48 -21.05 1.36
C ILE B 317 -17.94 -19.61 1.57
N ASP B 318 -18.30 -19.30 2.81
CA ASP B 318 -18.76 -17.98 3.20
C ASP B 318 -17.55 -17.09 3.48
N ILE B 319 -17.07 -16.40 2.46
CA ILE B 319 -15.87 -15.57 2.53
C ILE B 319 -16.04 -14.37 3.48
N GLU B 320 -17.16 -13.68 3.36
CA GLU B 320 -17.42 -12.55 4.25
C GLU B 320 -17.24 -12.95 5.71
N LYS B 321 -17.83 -14.07 6.10
CA LYS B 321 -17.67 -14.57 7.46
C LYS B 321 -16.18 -14.75 7.81
N ILE B 322 -15.43 -15.40 6.94
CA ILE B 322 -13.98 -15.52 7.11
C ILE B 322 -13.26 -14.15 7.22
N MET B 323 -13.65 -13.18 6.41
CA MET B 323 -13.01 -11.86 6.50
C MET B 323 -13.18 -11.22 7.88
N GLN B 324 -14.27 -11.55 8.57
CA GLN B 324 -14.55 -10.97 9.88
C GLN B 324 -13.92 -11.80 10.99
N ALA B 325 -14.15 -13.12 10.93
CA ALA B 325 -13.83 -14.03 12.03
C ALA B 325 -12.37 -14.41 12.07
N VAL B 326 -11.71 -14.41 10.91
CA VAL B 326 -10.29 -14.73 10.81
C VAL B 326 -9.42 -13.45 10.75
N TYR B 327 -9.78 -12.51 9.88
CA TYR B 327 -8.96 -11.32 9.69
C TYR B 327 -9.38 -10.15 10.56
N TYR B 328 -10.54 -10.28 11.19
CA TYR B 328 -11.07 -9.22 12.05
C TYR B 328 -11.16 -7.91 11.31
N GLY B 329 -11.54 -7.95 10.04
CA GLY B 329 -11.67 -6.74 9.25
C GLY B 329 -10.35 -6.15 8.79
N ASN B 330 -9.24 -6.69 9.26
CA ASN B 330 -7.92 -6.21 8.84
C ASN B 330 -7.53 -6.70 7.45
N GLY B 331 -8.26 -7.67 6.92
CA GLY B 331 -7.90 -8.25 5.64
C GLY B 331 -8.51 -7.53 4.44
N LEU B 332 -8.03 -7.88 3.26
CA LEU B 332 -8.52 -7.38 1.98
C LEU B 332 -8.99 -8.56 1.18
N ARG B 333 -10.27 -8.63 0.86
CA ARG B 333 -10.74 -9.77 0.10
C ARG B 333 -10.08 -9.74 -1.27
N ALA B 334 -9.68 -10.91 -1.77
CA ALA B 334 -8.99 -11.01 -3.07
C ALA B 334 -9.92 -10.88 -4.28
N ARG B 335 -9.46 -10.21 -5.34
CA ARG B 335 -10.22 -10.13 -6.57
C ARG B 335 -9.43 -10.82 -7.67
N SER B 336 -8.30 -11.36 -7.26
CA SER B 336 -7.40 -12.10 -8.16
C SER B 336 -6.36 -12.72 -7.25
N ILE B 337 -5.50 -13.57 -7.78
CA ILE B 337 -4.36 -14.02 -7.00
C ILE B 337 -3.44 -12.83 -6.66
N LEU B 338 -3.46 -11.82 -7.52
CA LEU B 338 -2.64 -10.62 -7.30
C LEU B 338 -3.37 -9.58 -6.45
N PRO B 339 -2.67 -9.00 -5.49
CA PRO B 339 -3.15 -7.86 -4.68
C PRO B 339 -3.19 -6.62 -5.54
N PRO B 340 -4.09 -5.67 -5.22
CA PRO B 340 -4.30 -4.47 -6.03
C PRO B 340 -3.11 -3.51 -6.12
N THR B 341 -2.17 -3.59 -5.20
CA THR B 341 -0.96 -2.79 -5.35
C THR B 341 0.11 -3.38 -6.28
N SER B 342 -0.14 -4.57 -6.84
CA SER B 342 0.73 -5.13 -7.86
C SER B 342 0.49 -4.43 -9.21
N TRP B 343 1.54 -4.06 -9.93
CA TRP B 343 1.33 -3.46 -11.25
C TRP B 343 0.68 -4.38 -12.30
N ALA B 344 0.68 -5.69 -12.07
CA ALA B 344 0.01 -6.59 -12.99
C ALA B 344 -1.42 -6.93 -12.58
N PHE B 345 -1.86 -6.42 -11.43
CA PHE B 345 -3.20 -6.71 -10.92
C PHE B 345 -4.31 -6.57 -11.98
N GLU B 346 -5.19 -7.54 -12.04
CA GLU B 346 -6.37 -7.47 -12.91
C GLU B 346 -7.49 -8.22 -12.23
N PRO B 347 -8.44 -7.49 -11.66
CA PRO B 347 -9.58 -8.07 -10.95
C PRO B 347 -10.40 -8.94 -11.91
N GLN B 348 -10.88 -10.09 -11.43
CA GLN B 348 -11.55 -11.05 -12.32
C GLN B 348 -13.06 -11.03 -12.15
N LYS B 349 -13.77 -10.86 -13.26
CA LYS B 349 -15.23 -10.79 -13.24
C LYS B 349 -15.86 -12.09 -12.75
N ASN B 350 -15.18 -13.20 -12.97
CA ASN B 350 -15.74 -14.52 -12.72
C ASN B 350 -15.42 -15.14 -11.38
N MET B 351 -14.83 -14.36 -10.48
CA MET B 351 -14.68 -14.79 -9.10
C MET B 351 -16.03 -15.35 -8.66
N PRO B 352 -16.00 -16.53 -8.03
CA PRO B 352 -17.15 -17.31 -7.56
C PRO B 352 -17.92 -16.61 -6.44
N ILE B 353 -19.24 -16.73 -6.48
CA ILE B 353 -20.09 -16.12 -5.46
C ILE B 353 -20.37 -17.13 -4.37
N PHE B 354 -20.57 -16.67 -3.15
CA PHE B 354 -21.01 -17.56 -2.09
C PHE B 354 -22.47 -17.90 -2.31
N ASP B 355 -22.76 -19.18 -2.54
CA ASP B 355 -24.11 -19.59 -2.90
C ASP B 355 -24.23 -21.10 -2.66
N PRO B 356 -24.56 -21.51 -1.43
CA PRO B 356 -24.55 -22.93 -1.09
C PRO B 356 -25.48 -23.73 -1.98
N GLN B 357 -26.52 -23.07 -2.46
CA GLN B 357 -27.55 -23.70 -3.29
C GLN B 357 -27.00 -24.06 -4.66
N LEU B 358 -26.21 -23.15 -5.24
CA LEU B 358 -25.49 -23.41 -6.47
C LEU B 358 -24.48 -24.53 -6.24
N ALA B 359 -23.77 -24.45 -5.12
CA ALA B 359 -22.74 -25.42 -4.76
C ALA B 359 -23.33 -26.83 -4.70
N LYS B 360 -24.46 -26.96 -4.04
CA LYS B 360 -25.15 -28.24 -3.94
C LYS B 360 -25.59 -28.70 -5.33
N LYS B 361 -26.05 -27.77 -6.15
CA LYS B 361 -26.54 -28.11 -7.48
C LYS B 361 -25.41 -28.58 -8.41
N LEU B 362 -24.27 -27.90 -8.33
CA LEU B 362 -23.13 -28.24 -9.17
C LEU B 362 -22.46 -29.55 -8.73
N LEU B 363 -22.44 -29.79 -7.42
CA LEU B 363 -21.86 -31.00 -6.86
C LEU B 363 -22.59 -32.22 -7.40
N THR B 364 -23.91 -32.20 -7.30
CA THR B 364 -24.75 -33.30 -7.78
C THR B 364 -24.64 -33.43 -9.30
N GLU B 365 -24.54 -32.30 -9.97
CA GLU B 365 -24.38 -32.30 -11.43
C GLU B 365 -23.04 -32.88 -11.85
N ALA B 366 -22.06 -32.78 -10.97
CA ALA B 366 -20.72 -33.29 -11.25
C ALA B 366 -20.65 -34.79 -10.93
N GLY B 367 -21.69 -35.29 -10.26
CA GLY B 367 -21.80 -36.71 -10.01
C GLY B 367 -21.51 -37.10 -8.59
N TYR B 368 -21.55 -36.12 -7.69
CA TYR B 368 -21.30 -36.36 -6.28
C TYR B 368 -22.42 -35.81 -5.40
N GLU B 369 -23.64 -36.26 -5.68
CA GLU B 369 -24.84 -35.75 -4.99
C GLU B 369 -24.79 -35.91 -3.48
N LYS B 370 -24.19 -36.98 -3.01
CA LYS B 370 -24.16 -37.24 -1.57
C LYS B 370 -22.88 -36.74 -0.93
N GLY B 371 -22.08 -36.02 -1.70
CA GLY B 371 -20.84 -35.47 -1.20
C GLY B 371 -19.76 -36.53 -1.03
N PHE B 372 -18.86 -36.28 -0.08
CA PHE B 372 -17.69 -37.13 0.15
C PHE B 372 -16.86 -36.57 1.31
N ASP B 373 -15.85 -37.32 1.73
CA ASP B 373 -14.92 -36.88 2.76
C ASP B 373 -13.73 -36.19 2.10
N MET B 374 -13.14 -35.23 2.79
CA MET B 374 -11.91 -34.62 2.32
C MET B 374 -11.11 -33.99 3.45
N SER B 375 -9.82 -33.79 3.21
CA SER B 375 -9.02 -33.12 4.20
C SER B 375 -8.78 -31.67 3.78
N ILE B 376 -8.83 -30.77 4.73
CA ILE B 376 -8.24 -29.46 4.52
C ILE B 376 -7.06 -29.32 5.46
N TRP B 377 -5.86 -29.25 4.89
CA TRP B 377 -4.67 -29.02 5.69
C TRP B 377 -4.60 -27.55 6.08
N ALA B 378 -4.38 -27.31 7.37
CA ALA B 378 -4.29 -25.96 7.89
C ALA B 378 -2.97 -25.71 8.60
N MET B 379 -2.36 -24.56 8.29
CA MET B 379 -1.11 -24.13 8.88
C MET B 379 -1.31 -23.91 10.37
N PRO B 380 -0.32 -24.32 11.18
CA PRO B 380 -0.44 -24.23 12.63
C PRO B 380 0.05 -22.88 13.19
N VAL B 381 0.63 -22.03 12.34
CA VAL B 381 1.07 -20.71 12.79
C VAL B 381 0.43 -19.56 11.99
N SER B 382 0.35 -18.39 12.61
CA SER B 382 -0.13 -17.21 11.93
C SER B 382 0.83 -16.82 10.80
N ARG B 383 0.28 -16.42 9.66
CA ARG B 383 1.08 -15.94 8.53
C ARG B 383 0.55 -14.58 8.08
N ILE B 384 1.38 -13.78 7.43
CA ILE B 384 0.92 -12.52 6.89
C ILE B 384 -0.41 -12.64 6.15
N TYR B 385 -0.53 -13.66 5.30
CA TYR B 385 -1.68 -13.79 4.42
C TYR B 385 -2.82 -14.63 4.99
N ASN B 386 -2.65 -15.13 6.21
CA ASN B 386 -3.69 -15.90 6.89
C ASN B 386 -3.33 -15.99 8.37
N PRO B 387 -3.92 -15.13 9.19
CA PRO B 387 -3.59 -15.06 10.62
C PRO B 387 -4.04 -16.28 11.43
N ASN B 388 -4.91 -17.12 10.88
CA ASN B 388 -5.43 -18.26 11.63
C ASN B 388 -6.10 -19.29 10.72
N ALA B 389 -5.28 -20.14 10.11
CA ALA B 389 -5.72 -21.17 9.20
C ALA B 389 -6.59 -22.22 9.90
N ARG B 390 -6.27 -22.54 11.15
CA ARG B 390 -7.10 -23.47 11.91
C ARG B 390 -8.52 -22.94 12.02
N LYS B 391 -8.69 -21.67 12.39
CA LYS B 391 -10.05 -21.19 12.56
C LYS B 391 -10.76 -21.10 11.19
N MET B 392 -10.00 -20.75 10.16
CA MET B 392 -10.54 -20.67 8.81
C MET B 392 -11.05 -22.04 8.34
N ALA B 393 -10.25 -23.08 8.60
CA ALA B 393 -10.64 -24.44 8.22
C ALA B 393 -11.88 -24.94 8.98
N GLU B 394 -12.05 -24.50 10.22
CA GLU B 394 -13.25 -24.86 10.98
C GLU B 394 -14.51 -24.24 10.39
N LEU B 395 -14.41 -23.00 9.91
CA LEU B 395 -15.53 -22.32 9.26
C LEU B 395 -15.88 -22.96 7.93
N MET B 396 -14.86 -23.23 7.12
CA MET B 396 -15.07 -23.91 5.86
C MET B 396 -15.67 -25.29 6.14
N GLN B 397 -15.18 -25.95 7.19
CA GLN B 397 -15.70 -27.25 7.59
C GLN B 397 -17.21 -27.19 7.83
N SER B 398 -17.63 -26.22 8.63
CA SER B 398 -19.05 -26.01 8.88
C SER B 398 -19.82 -25.69 7.58
N ASP B 399 -19.30 -24.78 6.77
CA ASP B 399 -19.90 -24.45 5.46
C ASP B 399 -20.07 -25.69 4.58
N LEU B 400 -19.02 -26.50 4.48
CA LEU B 400 -18.99 -27.65 3.57
C LEU B 400 -19.91 -28.78 4.01
N ARG B 401 -20.07 -28.93 5.33
CA ARG B 401 -21.04 -29.88 5.85
C ARG B 401 -22.44 -29.65 5.26
N LYS B 402 -22.78 -28.40 4.96
CA LYS B 402 -24.11 -28.07 4.45
C LYS B 402 -24.41 -28.70 3.08
N ILE B 403 -23.37 -29.04 2.33
CA ILE B 403 -23.57 -29.59 0.99
C ILE B 403 -23.07 -31.03 0.92
N GLY B 404 -22.92 -31.65 2.09
CA GLY B 404 -22.60 -33.07 2.18
C GLY B 404 -21.12 -33.39 2.10
N VAL B 405 -20.27 -32.37 2.09
CA VAL B 405 -18.82 -32.59 2.11
C VAL B 405 -18.30 -32.58 3.56
N ASN B 406 -17.73 -33.70 3.98
CA ASN B 406 -17.29 -33.90 5.36
C ASN B 406 -15.79 -33.65 5.49
N VAL B 407 -15.43 -32.55 6.15
CA VAL B 407 -14.02 -32.16 6.20
C VAL B 407 -13.33 -32.66 7.47
N ASN B 408 -12.12 -33.20 7.31
CA ASN B 408 -11.26 -33.40 8.47
C ASN B 408 -10.06 -32.48 8.32
N ILE B 409 -9.73 -31.79 9.39
CA ILE B 409 -8.67 -30.80 9.38
C ILE B 409 -7.34 -31.42 9.78
N VAL B 410 -6.33 -31.21 8.94
CA VAL B 410 -4.99 -31.74 9.16
C VAL B 410 -3.96 -30.63 9.51
N GLU B 411 -3.25 -30.77 10.62
CA GLU B 411 -2.22 -29.83 11.03
C GLU B 411 -0.97 -30.57 11.47
N TYR B 412 0.21 -30.03 11.16
CA TYR B 412 1.46 -30.52 11.73
C TYR B 412 2.31 -29.33 12.14
N GLU B 413 3.37 -29.58 12.92
CA GLU B 413 4.38 -28.58 13.16
C GLU B 413 4.77 -27.94 11.82
N TRP B 414 4.96 -26.61 11.83
CA TRP B 414 5.10 -25.80 10.59
C TRP B 414 6.09 -26.37 9.57
N ASN B 415 7.33 -26.58 9.99
CA ASN B 415 8.32 -27.14 9.06
C ASN B 415 7.95 -28.51 8.51
N THR B 416 7.33 -29.36 9.34
CA THR B 416 6.84 -30.64 8.89
C THR B 416 5.68 -30.44 7.92
N PHE B 417 4.79 -29.53 8.28
CA PHE B 417 3.65 -29.16 7.44
C PHE B 417 4.09 -28.75 6.04
N ILE B 418 5.05 -27.84 5.96
CA ILE B 418 5.56 -27.39 4.66
C ILE B 418 6.16 -28.54 3.84
N GLN B 419 6.89 -29.41 4.53
CA GLN B 419 7.54 -30.52 3.85
C GLN B 419 6.50 -31.47 3.22
N ARG B 420 5.38 -31.67 3.90
CA ARG B 420 4.39 -32.63 3.42
C ARG B 420 3.47 -32.05 2.34
N ILE B 421 3.34 -30.73 2.33
CA ILE B 421 2.62 -30.08 1.26
C ILE B 421 3.50 -30.15 0.02
N GLY B 422 4.81 -30.07 0.21
CA GLY B 422 5.75 -30.13 -0.89
C GLY B 422 5.72 -31.47 -1.60
N GLU B 423 5.33 -32.50 -0.86
CA GLU B 423 5.21 -33.85 -1.37
C GLU B 423 3.79 -34.12 -1.87
N HIS B 424 2.93 -33.11 -1.76
CA HIS B 424 1.53 -33.19 -2.20
C HIS B 424 0.74 -34.32 -1.52
N ARG B 425 0.87 -34.42 -0.20
CA ARG B 425 0.12 -35.42 0.54
C ARG B 425 -1.33 -35.05 0.75
N HIS B 426 -1.66 -33.77 0.52
CA HIS B 426 -2.96 -33.24 0.91
C HIS B 426 -4.03 -33.40 -0.15
N ASP B 427 -5.30 -33.41 0.28
CA ASP B 427 -6.44 -33.23 -0.62
C ASP B 427 -6.50 -31.77 -1.02
N SER B 428 -6.38 -30.90 -0.03
CA SER B 428 -6.44 -29.45 -0.23
C SER B 428 -5.76 -28.77 0.95
N VAL B 429 -5.32 -27.53 0.75
CA VAL B 429 -4.54 -26.87 1.78
C VAL B 429 -4.81 -25.38 1.81
N LEU B 430 -4.91 -24.84 3.02
CA LEU B 430 -4.94 -23.41 3.23
C LEU B 430 -3.51 -22.94 3.38
N LEU B 431 -3.02 -22.22 2.38
CA LEU B 431 -1.63 -21.75 2.40
C LEU B 431 -1.53 -20.38 1.73
N GLY B 432 -0.38 -20.04 1.18
CA GLY B 432 -0.21 -18.71 0.63
C GLY B 432 1.20 -18.40 0.20
N TRP B 433 1.43 -17.12 -0.07
CA TRP B 433 2.72 -16.65 -0.54
C TRP B 433 2.91 -15.17 -0.22
N ALA B 434 4.00 -14.87 0.47
CA ALA B 434 4.40 -13.49 0.75
C ALA B 434 5.50 -13.14 -0.24
N ALA B 435 5.19 -12.28 -1.19
CA ALA B 435 6.11 -12.06 -2.30
C ALA B 435 7.50 -11.63 -1.82
N ASP B 436 8.51 -12.09 -2.55
CA ASP B 436 9.90 -11.79 -2.24
C ASP B 436 10.43 -10.56 -2.99
N THR B 437 9.75 -10.16 -4.06
CA THR B 437 10.05 -8.95 -4.82
C THR B 437 8.72 -8.37 -5.33
N PRO B 438 8.77 -7.18 -5.95
CA PRO B 438 7.58 -6.57 -6.58
C PRO B 438 7.38 -7.01 -8.04
N ASP B 439 8.16 -7.95 -8.53
CA ASP B 439 7.98 -8.43 -9.90
C ASP B 439 6.88 -9.48 -9.92
N PRO B 440 5.81 -9.24 -10.69
CA PRO B 440 4.64 -10.14 -10.67
C PRO B 440 4.97 -11.62 -10.87
N ASP B 441 6.04 -11.92 -11.62
CA ASP B 441 6.41 -13.32 -11.83
C ASP B 441 6.53 -14.09 -10.49
N ASN B 442 6.84 -13.38 -9.41
CA ASN B 442 7.06 -14.00 -8.10
C ASN B 442 5.83 -14.69 -7.52
N PHE B 443 4.65 -14.35 -8.04
CA PHE B 443 3.40 -15.01 -7.65
C PHE B 443 3.02 -16.17 -8.57
N PHE B 444 3.63 -16.27 -9.74
CA PHE B 444 3.17 -17.27 -10.70
C PHE B 444 4.11 -18.45 -10.80
N SER B 445 5.36 -18.19 -11.11
CA SER B 445 6.31 -19.27 -11.35
C SER B 445 6.57 -20.13 -10.11
N PRO B 446 6.79 -19.49 -8.95
CA PRO B 446 7.10 -20.33 -7.79
C PRO B 446 5.84 -21.01 -7.23
N LEU B 447 4.66 -20.66 -7.74
CA LEU B 447 3.41 -21.12 -7.13
C LEU B 447 2.63 -22.11 -7.98
N LEU B 448 2.61 -21.88 -9.28
CA LEU B 448 1.70 -22.59 -10.17
C LEU B 448 2.33 -23.14 -11.45
N SER B 449 3.64 -23.03 -11.58
CA SER B 449 4.31 -23.54 -12.78
C SER B 449 4.64 -25.03 -12.64
N CYS B 450 4.75 -25.68 -13.79
CA CYS B 450 5.15 -27.08 -13.87
C CYS B 450 6.46 -27.39 -13.13
N THR B 451 7.50 -26.58 -13.35
CA THR B 451 8.79 -26.85 -12.69
C THR B 451 8.69 -26.69 -11.19
N ALA B 452 7.92 -25.70 -10.74
CA ALA B 452 7.60 -25.59 -9.31
C ALA B 452 7.05 -26.91 -8.77
N THR B 453 6.04 -27.45 -9.46
CA THR B 453 5.42 -28.69 -9.02
C THR B 453 6.42 -29.86 -8.93
N PHE B 454 7.46 -29.83 -9.77
CA PHE B 454 8.48 -30.89 -9.76
C PHE B 454 9.61 -30.55 -8.80
N SER B 455 9.54 -29.40 -8.15
CA SER B 455 10.56 -29.00 -7.21
C SER B 455 10.03 -28.94 -5.78
N GLY B 456 8.99 -29.71 -5.50
CA GLY B 456 8.40 -29.74 -4.17
C GLY B 456 7.62 -28.48 -3.79
N LYS B 457 7.07 -27.81 -4.79
CA LYS B 457 6.28 -26.61 -4.56
C LYS B 457 4.96 -26.75 -5.29
N ASN B 458 4.25 -25.66 -5.49
CA ASN B 458 2.97 -25.74 -6.19
C ASN B 458 1.94 -26.61 -5.46
N PRO B 459 1.36 -26.08 -4.37
CA PRO B 459 0.37 -26.81 -3.55
C PRO B 459 -0.79 -27.35 -4.39
N ALA B 460 -1.11 -26.68 -5.50
CA ALA B 460 -2.21 -27.14 -6.34
C ALA B 460 -1.82 -28.35 -7.19
N ASN B 461 -0.54 -28.71 -7.13
CA ASN B 461 -0.03 -29.84 -7.92
C ASN B 461 -0.46 -29.66 -9.37
N TRP B 462 -0.23 -28.46 -9.90
CA TRP B 462 -0.88 -28.07 -11.15
C TRP B 462 0.13 -27.75 -12.23
N CYS B 463 0.25 -28.68 -13.17
CA CYS B 463 1.08 -28.48 -14.34
C CYS B 463 0.16 -28.21 -15.52
N ASN B 464 0.32 -27.03 -16.11
CA ASN B 464 -0.48 -26.61 -17.26
C ASN B 464 0.44 -25.81 -18.17
N PRO B 465 1.00 -26.45 -19.20
CA PRO B 465 1.93 -25.81 -20.13
C PRO B 465 1.37 -24.56 -20.80
N GLU B 466 0.05 -24.51 -20.97
CA GLU B 466 -0.58 -23.35 -21.56
C GLU B 466 -0.36 -22.16 -20.64
N PHE B 467 -0.61 -22.38 -19.35
CA PHE B 467 -0.31 -21.39 -18.30
C PHE B 467 1.16 -20.98 -18.34
N ASP B 468 2.05 -21.96 -18.31
CA ASP B 468 3.49 -21.67 -18.30
C ASP B 468 3.97 -20.88 -19.51
N LEU B 469 3.35 -21.10 -20.66
CA LEU B 469 3.73 -20.36 -21.86
C LEU B 469 3.49 -18.88 -21.59
N LEU B 470 2.35 -18.56 -21.00
CA LEU B 470 2.06 -17.19 -20.60
C LEU B 470 3.20 -16.60 -19.75
N LEU B 471 3.58 -17.32 -18.68
CA LEU B 471 4.67 -16.86 -17.82
C LEU B 471 5.93 -16.67 -18.63
N THR B 472 6.21 -17.62 -19.52
CA THR B 472 7.42 -17.55 -20.35
C THR B 472 7.40 -16.29 -21.20
N LYS B 473 6.27 -16.01 -21.84
CA LYS B 473 6.19 -14.87 -22.74
C LYS B 473 6.27 -13.56 -21.97
N ALA B 474 5.85 -13.60 -20.70
CA ALA B 474 5.91 -12.43 -19.84
C ALA B 474 7.33 -12.09 -19.42
N LEU B 475 8.24 -13.07 -19.39
CA LEU B 475 9.65 -12.82 -19.09
C LEU B 475 10.43 -12.49 -20.34
N ASP B 476 9.81 -12.74 -21.48
CA ASP B 476 10.43 -12.54 -22.79
C ASP B 476 10.54 -11.07 -23.17
N THR B 477 9.62 -10.27 -22.63
CA THR B 477 9.60 -8.84 -22.90
C THR B 477 9.86 -8.02 -21.64
N THR B 478 10.47 -6.86 -21.87
CA THR B 478 10.80 -5.89 -20.84
C THR B 478 9.66 -4.88 -20.61
N ASP B 479 8.77 -4.78 -21.59
CA ASP B 479 7.70 -3.79 -21.61
C ASP B 479 6.59 -4.09 -20.60
N LEU B 480 6.43 -3.21 -19.63
CA LEU B 480 5.47 -3.42 -18.54
C LEU B 480 4.07 -3.73 -19.07
N ASN B 481 3.65 -3.03 -20.13
CA ASN B 481 2.30 -3.23 -20.65
C ASN B 481 2.11 -4.57 -21.31
N LEU B 482 3.09 -4.99 -22.10
CA LEU B 482 3.03 -6.30 -22.76
C LEU B 482 3.13 -7.44 -21.72
N ARG B 483 4.00 -7.28 -20.72
CA ARG B 483 4.05 -8.21 -19.59
C ARG B 483 2.69 -8.32 -18.91
N LYS B 484 2.08 -7.17 -18.67
CA LYS B 484 0.79 -7.15 -18.00
C LYS B 484 -0.27 -7.91 -18.78
N GLN B 485 -0.31 -7.75 -20.10
CA GLN B 485 -1.30 -8.47 -20.90
C GLN B 485 -1.18 -9.96 -20.66
N TYR B 486 0.05 -10.46 -20.56
CA TYR B 486 0.30 -11.88 -20.30
C TYR B 486 -0.15 -12.29 -18.91
N TYR B 487 0.16 -11.46 -17.93
CA TYR B 487 -0.27 -11.70 -16.55
C TYR B 487 -1.78 -11.56 -16.36
N ASP B 488 -2.43 -10.75 -17.19
CA ASP B 488 -3.89 -10.65 -17.13
C ASP B 488 -4.46 -12.00 -17.54
N ALA B 489 -3.96 -12.56 -18.64
CA ALA B 489 -4.45 -13.85 -19.12
C ALA B 489 -4.15 -14.95 -18.11
N ALA B 490 -2.97 -14.92 -17.50
CA ALA B 490 -2.65 -15.87 -16.43
C ALA B 490 -3.67 -15.80 -15.30
N GLN B 491 -4.05 -14.58 -14.91
CA GLN B 491 -4.98 -14.38 -13.79
C GLN B 491 -6.37 -14.91 -14.08
N SER B 492 -6.86 -14.72 -15.31
CA SER B 492 -8.16 -15.30 -15.64
C SER B 492 -8.08 -16.83 -15.72
N MET B 493 -6.97 -17.36 -16.21
CA MET B 493 -6.80 -18.81 -16.28
C MET B 493 -6.89 -19.47 -14.89
N ILE B 494 -6.35 -18.78 -13.89
N ILE B 494 -6.33 -18.79 -13.89
CA ILE B 494 -6.41 -19.29 -12.52
CA ILE B 494 -6.40 -19.29 -12.52
C ILE B 494 -7.84 -19.33 -12.00
C ILE B 494 -7.85 -19.34 -12.02
N ILE B 495 -8.61 -18.31 -12.36
CA ILE B 495 -10.01 -18.25 -11.95
C ILE B 495 -10.91 -19.16 -12.79
N GLU B 496 -10.52 -19.40 -14.04
N GLU B 496 -10.51 -19.44 -14.02
CA GLU B 496 -11.29 -20.31 -14.87
CA GLU B 496 -11.32 -20.29 -14.88
C GLU B 496 -11.13 -21.72 -14.34
C GLU B 496 -11.05 -21.78 -14.63
N GLN B 497 -9.88 -22.11 -14.10
CA GLN B 497 -9.54 -23.48 -13.78
C GLN B 497 -9.49 -23.79 -12.27
N LEU B 498 -9.45 -22.76 -11.44
CA LEU B 498 -9.41 -22.94 -9.97
C LEU B 498 -8.44 -24.02 -9.45
N PRO B 499 -7.17 -23.98 -9.88
CA PRO B 499 -6.22 -24.86 -9.18
C PRO B 499 -6.12 -24.42 -7.72
N LEU B 500 -6.24 -23.11 -7.49
CA LEU B 500 -6.40 -22.59 -6.14
C LEU B 500 -7.46 -21.49 -6.14
N TYR B 501 -8.03 -21.22 -4.97
CA TYR B 501 -9.02 -20.16 -4.81
C TYR B 501 -8.43 -19.00 -4.00
N PRO B 502 -8.14 -17.88 -4.66
CA PRO B 502 -7.62 -16.71 -3.94
C PRO B 502 -8.65 -16.23 -2.89
N ILE B 503 -8.19 -15.98 -1.67
CA ILE B 503 -9.12 -15.63 -0.60
C ILE B 503 -8.91 -14.19 -0.16
N ALA B 504 -7.73 -13.89 0.37
CA ALA B 504 -7.48 -12.57 0.90
C ALA B 504 -6.02 -12.15 0.77
N HIS B 505 -5.76 -10.88 1.02
CA HIS B 505 -4.41 -10.38 1.21
C HIS B 505 -4.36 -9.78 2.61
N GLY B 506 -3.30 -10.07 3.34
CA GLY B 506 -3.17 -9.56 4.67
C GLY B 506 -2.24 -8.37 4.78
N MET B 507 -2.38 -7.64 5.88
CA MET B 507 -1.44 -6.59 6.23
C MET B 507 -0.29 -7.20 7.01
N ARG B 508 0.90 -6.65 6.82
CA ARG B 508 2.05 -7.06 7.59
C ARG B 508 2.07 -6.36 8.94
N PHE B 509 1.97 -7.15 10.00
CA PHE B 509 1.96 -6.59 11.34
C PHE B 509 3.17 -7.06 12.10
N GLN B 510 3.67 -6.17 12.96
CA GLN B 510 4.69 -6.56 13.89
C GLN B 510 4.57 -5.80 15.20
N ALA B 511 4.72 -6.52 16.30
CA ALA B 511 4.65 -5.90 17.61
C ALA B 511 6.06 -5.86 18.17
N SER B 512 6.39 -4.75 18.82
CA SER B 512 7.72 -4.59 19.38
C SER B 512 7.68 -3.69 20.60
N SER B 513 8.56 -3.98 21.54
CA SER B 513 8.74 -3.13 22.70
C SER B 513 9.07 -1.73 22.19
N ALA B 514 8.52 -0.70 22.82
CA ALA B 514 8.76 0.66 22.35
C ALA B 514 10.21 1.11 22.51
N ASP B 515 11.05 0.26 23.09
CA ASP B 515 12.48 0.51 23.20
C ASP B 515 13.24 0.26 21.89
N VAL B 516 12.68 -0.54 20.98
CA VAL B 516 13.44 -0.89 19.79
C VAL B 516 13.18 0.05 18.61
N GLU B 517 14.24 0.40 17.91
CA GLU B 517 14.16 1.27 16.73
C GLU B 517 14.79 0.54 15.57
N GLY B 518 14.48 0.98 14.37
CA GLY B 518 15.23 0.59 13.18
C GLY B 518 14.89 -0.76 12.60
N ILE B 519 13.72 -1.30 12.93
CA ILE B 519 13.30 -2.55 12.30
C ILE B 519 12.63 -2.29 10.95
N THR B 520 13.21 -2.88 9.91
CA THR B 520 12.73 -2.68 8.54
C THR B 520 11.77 -3.78 8.12
N LEU B 521 10.55 -3.37 7.80
CA LEU B 521 9.53 -4.26 7.25
C LEU B 521 8.74 -3.56 6.16
N GLY B 522 8.91 -4.03 4.93
CA GLY B 522 8.34 -3.37 3.78
C GLY B 522 7.29 -4.21 3.08
N PRO B 523 6.94 -3.82 1.85
CA PRO B 523 5.88 -4.43 1.04
C PRO B 523 6.23 -5.81 0.44
N PHE B 524 7.48 -6.24 0.58
CA PHE B 524 7.89 -7.55 0.10
C PHE B 524 9.18 -7.97 0.79
N GLY B 525 9.50 -9.26 0.75
CA GLY B 525 10.77 -9.75 1.24
C GLY B 525 10.76 -9.91 2.76
N ALA B 526 11.87 -10.43 3.29
CA ALA B 526 11.93 -10.82 4.69
C ALA B 526 12.22 -9.67 5.66
N ILE B 527 12.00 -9.91 6.94
CA ILE B 527 12.31 -8.93 7.98
C ILE B 527 13.83 -8.74 8.06
N SER B 528 14.26 -7.52 8.39
CA SER B 528 15.68 -7.27 8.61
C SER B 528 15.93 -6.60 9.93
N LEU B 529 16.94 -7.07 10.65
CA LEU B 529 17.35 -6.48 11.92
C LEU B 529 18.71 -5.80 11.78
N ALA B 530 19.16 -5.63 10.54
CA ALA B 530 20.47 -5.06 10.28
C ALA B 530 20.66 -3.69 10.94
N ASN B 531 19.59 -2.90 11.02
CA ASN B 531 19.67 -1.55 11.61
C ASN B 531 18.96 -1.42 12.94
N ALA B 532 18.50 -2.55 13.47
CA ALA B 532 17.80 -2.57 14.75
C ALA B 532 18.71 -2.07 15.85
N ARG B 533 18.14 -1.35 16.82
CA ARG B 533 18.85 -0.94 18.03
C ARG B 533 17.85 -0.62 19.15
N LYS B 534 18.38 -0.30 20.34
CA LYS B 534 17.57 -0.05 21.53
C LYS B 534 17.78 1.35 22.14
N LYS B 535 16.89 1.73 23.06
CA LYS B 535 16.95 2.99 23.79
C LYS B 535 16.51 4.17 22.91
N GLY C . -8.83 15.89 -1.09
CA GLY C . -8.97 16.97 -2.06
C GLY C . -7.79 17.11 -3.01
O GLY C . -7.08 16.14 -3.29
N GLU D . -7.58 18.33 -3.51
CA GLU D . -6.55 18.57 -4.52
C GLU D . -5.14 18.57 -3.95
O GLU D . -4.91 18.87 -2.78
CB GLU D . -6.82 19.89 -5.27
CG GLU D . -8.15 19.91 -6.00
CD GLU D . -9.26 20.59 -5.19
OE1 GLU D . -10.32 20.91 -5.78
OE2 GLU D . -9.07 20.80 -3.97
OXT GLU D . -4.18 18.28 -4.66
N GLY E . 8.09 -16.00 0.19
CA GLY E . 7.87 -17.38 0.60
C GLY E . 6.65 -17.59 1.47
O GLY E . 5.82 -16.70 1.66
N GLU F . 6.53 -18.81 2.01
CA GLU F . 5.37 -19.19 2.80
C GLU F . 5.41 -18.59 4.22
O GLU F . 6.49 -18.32 4.75
CB GLU F . 5.25 -20.71 2.84
CG GLU F . 5.13 -21.38 1.46
CD GLU F . 6.48 -21.91 0.92
OE1 GLU F . 6.45 -22.77 0.01
OE2 GLU F . 7.56 -21.49 1.42
OXT GLU F . 4.39 -18.34 4.87
#